data_7PD2
#
_entry.id   7PD2
#
_cell.length_a   175.090
_cell.length_b   49.330
_cell.length_c   85.210
_cell.angle_alpha   90.000
_cell.angle_beta   96.910
_cell.angle_gamma   90.000
#
_symmetry.space_group_name_H-M   'C 1 2 1'
#
loop_
_entity.id
_entity.type
_entity.pdbx_description
1 polymer 'Thiazole biosynthesis protein ThiH'
2 non-polymer 'IRON/SULFUR CLUSTER'
3 non-polymer "5'-DEOXYADENOSINE"
4 non-polymer METHIONINE
5 non-polymer GLYCEROL
6 non-polymer 'SULFATE ION'
7 water water
#
_entity_poly.entity_id   1
_entity_poly.type   'polypeptide(L)'
_entity_poly.pdbx_seq_one_letter_code
;MWSHPQFEKASGTFYDVIEDYRHFDFAAYFAKVTDSDVRRILRQDRLSALDFLTLLSPQAEAYLEEMAQKAHRLTVQHFG
RTMLLYTPLYLANYCVNQCVYCGFQLKNKLERKKLTLAEVEQEAQLIAATGLKHILILTGESRQHSPVSYIKDCVNILKK
YFSSISIEIYPLTQEEYAELIGAGVDGLTIYQEVYNEEVYAEMHPAGPKRNYRFRLEAPERACQAGMRTVNIGALLGLND
WRQEAFFTGLHADYLQRRFPDVEVSISPPRMRPHLGGFPPRVVVSDQNLVQYVLAFRLFMPRSGITLSTRENGRLRDAMV
RLGVTKMSAGSCTAVGGRSDQEAVGQFQISDERTVAEVAAMLYAQGYQPVYKDWQAL
;
_entity_poly.pdbx_strand_id   A,B
#
# COMPACT_ATOMS: atom_id res chain seq x y z
N SER A 11 -12.88 -30.10 11.74
CA SER A 11 -12.05 -30.21 10.54
C SER A 11 -10.98 -29.13 10.52
N GLY A 12 -11.20 -28.07 11.29
CA GLY A 12 -10.29 -26.94 11.30
C GLY A 12 -10.46 -26.00 10.13
N THR A 13 -11.66 -25.91 9.55
CA THR A 13 -11.92 -25.01 8.43
C THR A 13 -13.19 -24.21 8.68
N PHE A 14 -13.64 -23.48 7.66
CA PHE A 14 -14.90 -22.77 7.78
C PHE A 14 -16.11 -23.70 7.75
N TYR A 15 -15.93 -24.93 7.26
CA TYR A 15 -17.05 -25.88 7.27
C TYR A 15 -17.47 -26.24 8.68
N ASP A 16 -16.56 -26.14 9.66
CA ASP A 16 -16.94 -26.34 11.05
C ASP A 16 -17.91 -25.26 11.52
N VAL A 17 -17.74 -24.04 11.03
CA VAL A 17 -18.64 -22.96 11.39
C VAL A 17 -20.01 -23.16 10.75
N ILE A 18 -20.03 -23.63 9.51
CA ILE A 18 -21.30 -23.96 8.86
C ILE A 18 -22.03 -25.05 9.63
N GLU A 19 -21.29 -26.04 10.15
CA GLU A 19 -21.90 -27.09 10.94
C GLU A 19 -22.49 -26.54 12.24
N ASP A 20 -21.85 -25.53 12.84
CA ASP A 20 -22.35 -24.95 14.07
C ASP A 20 -23.60 -24.09 13.85
N TYR A 21 -23.85 -23.66 12.62
CA TYR A 21 -25.04 -22.88 12.30
C TYR A 21 -26.12 -23.71 11.62
N ARG A 22 -25.95 -25.03 11.55
CA ARG A 22 -26.95 -25.88 10.93
C ARG A 22 -28.25 -25.89 11.73
N HIS A 23 -28.16 -25.64 13.04
CA HIS A 23 -29.33 -25.63 13.90
C HIS A 23 -29.70 -24.22 14.36
N PHE A 24 -29.10 -23.19 13.77
CA PHE A 24 -29.41 -21.81 14.15
C PHE A 24 -30.77 -21.41 13.59
N ASP A 25 -31.64 -20.92 14.47
CA ASP A 25 -33.00 -20.54 14.10
C ASP A 25 -33.01 -19.05 13.76
N PHE A 26 -32.85 -18.76 12.46
CA PHE A 26 -32.77 -17.36 12.01
C PHE A 26 -34.08 -16.62 12.21
N ALA A 27 -35.21 -17.28 11.95
CA ALA A 27 -36.51 -16.64 12.13
C ALA A 27 -36.75 -16.30 13.61
N ALA A 28 -36.31 -17.17 14.52
CA ALA A 28 -36.49 -16.88 15.94
C ALA A 28 -35.61 -15.73 16.39
N TYR A 29 -34.40 -15.60 15.83
CA TYR A 29 -33.54 -14.48 16.15
C TYR A 29 -34.17 -13.17 15.70
N PHE A 30 -34.58 -13.10 14.43
CA PHE A 30 -35.20 -11.89 13.90
C PHE A 30 -36.44 -11.50 14.69
N ALA A 31 -37.28 -12.48 15.04
CA ALA A 31 -38.47 -12.22 15.83
C ALA A 31 -38.15 -11.55 17.18
N LYS A 32 -36.94 -11.73 17.68
CA LYS A 32 -36.51 -11.11 18.92
C LYS A 32 -35.86 -9.75 18.74
N VAL A 33 -35.62 -9.33 17.50
CA VAL A 33 -34.93 -8.07 17.24
C VAL A 33 -35.91 -6.92 17.35
N THR A 34 -35.49 -5.84 18.03
CA THR A 34 -36.31 -4.65 18.20
C THR A 34 -35.55 -3.44 17.67
N ASP A 35 -36.26 -2.30 17.61
CA ASP A 35 -35.63 -1.08 17.11
C ASP A 35 -34.53 -0.58 18.03
N SER A 36 -34.65 -0.82 19.34
CA SER A 36 -33.60 -0.41 20.26
C SER A 36 -32.31 -1.19 20.03
N ASP A 37 -32.42 -2.45 19.60
CA ASP A 37 -31.23 -3.22 19.25
C ASP A 37 -30.50 -2.60 18.07
N VAL A 38 -31.25 -2.05 17.10
CA VAL A 38 -30.61 -1.47 15.92
C VAL A 38 -29.91 -0.17 16.29
N ARG A 39 -30.56 0.68 17.11
CA ARG A 39 -29.95 1.95 17.48
C ARG A 39 -28.69 1.75 18.32
N ARG A 40 -28.71 0.76 19.20
CA ARG A 40 -27.52 0.48 20.02
C ARG A 40 -26.34 0.10 19.15
N ILE A 41 -26.57 -0.78 18.17
CA ILE A 41 -25.50 -1.26 17.29
C ILE A 41 -24.94 -0.14 16.44
N LEU A 42 -25.78 0.84 16.07
CA LEU A 42 -25.30 2.01 15.34
C LEU A 42 -24.37 2.88 16.16
N ARG A 43 -24.41 2.77 17.49
CA ARG A 43 -23.51 3.51 18.37
C ARG A 43 -22.20 2.77 18.63
N GLN A 44 -22.12 1.47 18.33
CA GLN A 44 -20.98 0.66 18.72
C GLN A 44 -19.80 0.87 17.77
N ASP A 45 -18.59 0.70 18.32
CA ASP A 45 -17.39 0.72 17.51
C ASP A 45 -17.19 -0.61 16.79
N ARG A 46 -17.28 -1.71 17.53
CA ARG A 46 -17.09 -3.05 16.98
C ARG A 46 -18.42 -3.80 16.99
N LEU A 47 -18.63 -4.64 15.98
CA LEU A 47 -19.85 -5.40 15.81
C LEU A 47 -19.54 -6.88 15.85
N SER A 48 -20.33 -7.64 16.62
CA SER A 48 -20.26 -9.09 16.57
C SER A 48 -20.96 -9.59 15.32
N ALA A 49 -20.79 -10.88 15.04
CA ALA A 49 -21.42 -11.46 13.85
C ALA A 49 -22.94 -11.33 13.90
N LEU A 50 -23.52 -11.38 15.10
CA LEU A 50 -24.97 -11.27 15.22
C LEU A 50 -25.44 -9.82 15.16
N ASP A 51 -24.63 -8.88 15.66
CA ASP A 51 -24.91 -7.47 15.42
C ASP A 51 -25.03 -7.20 13.93
N PHE A 52 -24.20 -7.87 13.14
CA PHE A 52 -24.32 -7.79 11.68
C PHE A 52 -25.63 -8.40 11.21
N LEU A 53 -25.98 -9.59 11.73
CA LEU A 53 -27.27 -10.19 11.41
C LEU A 53 -28.43 -9.28 11.82
N THR A 54 -28.30 -8.58 12.95
CA THR A 54 -29.34 -7.63 13.33
C THR A 54 -29.45 -6.48 12.33
N LEU A 55 -28.33 -6.07 11.74
CA LEU A 55 -28.38 -5.01 10.74
C LEU A 55 -28.99 -5.48 9.42
N LEU A 56 -29.04 -6.80 9.19
CA LEU A 56 -29.69 -7.39 8.03
C LEU A 56 -31.18 -7.65 8.25
N SER A 57 -31.70 -7.33 9.43
CA SER A 57 -33.06 -7.69 9.78
C SER A 57 -34.07 -6.77 9.10
N PRO A 58 -35.32 -7.20 8.98
CA PRO A 58 -36.35 -6.27 8.48
C PRO A 58 -36.48 -5.02 9.32
N GLN A 59 -36.31 -5.15 10.64
CA GLN A 59 -36.44 -4.00 11.53
C GLN A 59 -35.39 -2.94 11.21
N ALA A 60 -34.18 -3.36 10.82
CA ALA A 60 -33.11 -2.41 10.50
C ALA A 60 -33.40 -1.58 9.25
N GLU A 61 -34.41 -1.93 8.47
CA GLU A 61 -34.76 -1.12 7.30
C GLU A 61 -35.26 0.26 7.69
N ALA A 62 -35.74 0.41 8.92
CA ALA A 62 -36.18 1.73 9.40
C ALA A 62 -35.01 2.67 9.69
N TYR A 63 -33.78 2.18 9.66
CA TYR A 63 -32.61 2.99 9.99
C TYR A 63 -31.58 2.99 8.86
N LEU A 64 -32.04 2.84 7.62
CA LEU A 64 -31.11 2.77 6.50
C LEU A 64 -30.39 4.09 6.28
N GLU A 65 -31.07 5.21 6.51
CA GLU A 65 -30.42 6.52 6.39
C GLU A 65 -29.27 6.65 7.40
N GLU A 66 -29.54 6.34 8.67
CA GLU A 66 -28.49 6.41 9.68
C GLU A 66 -27.36 5.43 9.38
N MET A 67 -27.69 4.25 8.83
CA MET A 67 -26.66 3.28 8.48
C MET A 67 -25.78 3.81 7.36
N ALA A 68 -26.39 4.44 6.35
CA ALA A 68 -25.62 4.98 5.24
C ALA A 68 -24.74 6.14 5.67
N GLN A 69 -25.24 6.99 6.58
CA GLN A 69 -24.41 8.06 7.11
C GLN A 69 -23.16 7.52 7.77
N LYS A 70 -23.29 6.47 8.57
CA LYS A 70 -22.14 5.93 9.27
C LYS A 70 -21.26 5.09 8.35
N ALA A 71 -21.87 4.34 7.43
CA ALA A 71 -21.08 3.50 6.52
C ALA A 71 -20.25 4.35 5.55
N HIS A 72 -20.77 5.51 5.15
CA HIS A 72 -20.01 6.40 4.29
C HIS A 72 -18.78 6.94 5.02
N ARG A 73 -18.97 7.36 6.28
CA ARG A 73 -17.85 7.87 7.07
CA ARG A 73 -17.86 7.86 7.08
C ARG A 73 -16.78 6.80 7.26
N LEU A 74 -17.19 5.59 7.60
CA LEU A 74 -16.22 4.52 7.82
C LEU A 74 -15.43 4.22 6.56
N THR A 75 -16.09 4.29 5.40
CA THR A 75 -15.41 3.97 4.14
C THR A 75 -14.41 5.06 3.78
N VAL A 76 -14.78 6.33 3.94
CA VAL A 76 -13.84 7.41 3.67
C VAL A 76 -12.65 7.34 4.62
N GLN A 77 -12.89 6.91 5.87
CA GLN A 77 -11.81 6.85 6.85
C GLN A 77 -10.72 5.86 6.44
N HIS A 78 -11.11 4.71 5.88
CA HIS A 78 -10.14 3.67 5.56
C HIS A 78 -9.77 3.61 4.09
N PHE A 79 -10.61 4.12 3.20
CA PHE A 79 -10.33 4.08 1.77
C PHE A 79 -10.17 5.44 1.13
N GLY A 80 -10.52 6.52 1.83
CA GLY A 80 -10.58 7.82 1.19
C GLY A 80 -11.70 7.88 0.18
N ARG A 81 -11.74 9.00 -0.54
CA ARG A 81 -12.73 9.17 -1.62
C ARG A 81 -12.17 8.63 -2.94
N THR A 82 -11.84 7.34 -2.93
CA THR A 82 -11.30 6.65 -4.08
C THR A 82 -12.20 5.49 -4.46
N MET A 83 -12.00 5.00 -5.69
CA MET A 83 -12.76 3.85 -6.19
C MET A 83 -11.83 3.06 -7.10
N LEU A 84 -11.45 1.85 -6.68
CA LEU A 84 -10.57 1.03 -7.50
C LEU A 84 -11.35 0.43 -8.67
N LEU A 85 -10.75 0.50 -9.86
CA LEU A 85 -11.38 -0.02 -11.07
C LEU A 85 -10.67 -1.28 -11.55
N TYR A 86 -11.43 -2.17 -12.16
CA TYR A 86 -10.91 -3.40 -12.74
C TYR A 86 -11.85 -3.81 -13.86
N THR A 87 -11.50 -4.90 -14.55
CA THR A 87 -12.41 -5.49 -15.52
C THR A 87 -12.11 -6.97 -15.64
N PRO A 88 -13.12 -7.79 -15.96
CA PRO A 88 -12.89 -9.22 -16.13
C PRO A 88 -12.38 -9.54 -17.52
N LEU A 89 -11.67 -10.66 -17.61
CA LEU A 89 -11.17 -11.19 -18.89
C LEU A 89 -11.44 -12.69 -18.91
N TYR A 90 -12.46 -13.11 -19.64
CA TYR A 90 -12.76 -14.52 -19.78
C TYR A 90 -11.78 -15.14 -20.78
N LEU A 91 -11.03 -16.15 -20.33
CA LEU A 91 -10.07 -16.83 -21.19
C LEU A 91 -10.69 -18.00 -21.94
N ALA A 92 -11.65 -18.70 -21.35
CA ALA A 92 -12.20 -19.89 -21.97
C ALA A 92 -13.55 -20.20 -21.34
N ASN A 93 -14.39 -20.92 -22.09
CA ASN A 93 -15.73 -21.23 -21.61
C ASN A 93 -16.03 -22.73 -21.63
N TYR A 94 -15.01 -23.58 -21.82
CA TYR A 94 -15.21 -25.01 -21.64
C TYR A 94 -15.52 -25.32 -20.19
N CYS A 95 -16.55 -26.15 -19.96
CA CYS A 95 -16.91 -26.45 -18.58
C CYS A 95 -17.61 -27.80 -18.50
N VAL A 96 -17.30 -28.56 -17.45
CA VAL A 96 -17.91 -29.85 -17.22
C VAL A 96 -19.02 -29.78 -16.19
N ASN A 97 -19.28 -28.62 -15.62
CA ASN A 97 -20.27 -28.47 -14.56
C ASN A 97 -21.63 -28.13 -15.14
N GLN A 98 -22.66 -28.39 -14.34
CA GLN A 98 -24.03 -28.15 -14.76
C GLN A 98 -24.71 -27.11 -13.88
N CYS A 99 -24.03 -25.99 -13.63
CA CYS A 99 -24.60 -24.94 -12.79
C CYS A 99 -25.84 -24.36 -13.47
N VAL A 100 -27.00 -24.50 -12.80
CA VAL A 100 -28.28 -24.19 -13.42
C VAL A 100 -28.42 -22.71 -13.73
N TYR A 101 -27.66 -21.84 -13.06
CA TYR A 101 -27.79 -20.39 -13.20
C TYR A 101 -26.83 -19.80 -14.22
N CYS A 102 -25.96 -20.60 -14.82
CA CYS A 102 -24.83 -20.08 -15.58
C CYS A 102 -25.00 -20.31 -17.07
N GLY A 103 -24.55 -19.35 -17.87
CA GLY A 103 -24.63 -19.46 -19.32
C GLY A 103 -23.63 -20.45 -19.92
N PHE A 104 -22.61 -20.85 -19.17
CA PHE A 104 -21.59 -21.78 -19.62
C PHE A 104 -21.83 -23.21 -19.13
N GLN A 105 -23.01 -23.53 -18.65
CA GLN A 105 -23.24 -24.88 -18.14
C GLN A 105 -23.12 -25.90 -19.27
N LEU A 106 -22.69 -27.12 -18.91
CA LEU A 106 -22.34 -28.12 -19.91
C LEU A 106 -23.45 -28.35 -20.92
N LYS A 107 -24.71 -28.38 -20.46
CA LYS A 107 -25.83 -28.70 -21.34
C LYS A 107 -26.23 -27.55 -22.26
N ASN A 108 -25.74 -26.33 -22.04
CA ASN A 108 -26.08 -25.22 -22.92
C ASN A 108 -25.37 -25.37 -24.27
N LYS A 109 -26.02 -24.87 -25.31
CA LYS A 109 -25.48 -24.93 -26.67
C LYS A 109 -24.88 -23.57 -27.01
N LEU A 110 -23.55 -23.51 -27.10
CA LEU A 110 -22.86 -22.31 -27.55
C LEU A 110 -21.51 -22.70 -28.15
N GLU A 111 -20.86 -21.71 -28.76
CA GLU A 111 -19.56 -21.91 -29.39
C GLU A 111 -18.48 -21.92 -28.31
N ARG A 112 -18.00 -23.11 -27.94
CA ARG A 112 -16.93 -23.21 -26.95
C ARG A 112 -15.62 -22.73 -27.57
N LYS A 113 -14.90 -21.89 -26.85
CA LYS A 113 -13.73 -21.21 -27.38
C LYS A 113 -12.71 -21.00 -26.27
N LYS A 114 -11.44 -21.11 -26.62
CA LYS A 114 -10.34 -20.83 -25.71
C LYS A 114 -9.38 -19.89 -26.43
N LEU A 115 -9.02 -18.79 -25.77
CA LEU A 115 -8.15 -17.80 -26.39
C LEU A 115 -6.74 -18.37 -26.55
N THR A 116 -6.18 -18.21 -27.75
CA THR A 116 -4.76 -18.50 -27.91
C THR A 116 -3.94 -17.48 -27.13
N LEU A 117 -2.64 -17.79 -26.99
CA LEU A 117 -1.77 -16.85 -26.28
C LEU A 117 -1.71 -15.50 -26.98
N ALA A 118 -1.82 -15.49 -28.31
CA ALA A 118 -1.80 -14.24 -29.05
C ALA A 118 -3.10 -13.45 -28.87
N GLU A 119 -4.23 -14.16 -28.74
CA GLU A 119 -5.49 -13.49 -28.49
C GLU A 119 -5.53 -12.90 -27.09
N VAL A 120 -4.90 -13.58 -26.13
CA VAL A 120 -4.84 -13.05 -24.76
C VAL A 120 -4.03 -11.75 -24.73
N GLU A 121 -2.87 -11.76 -25.39
CA GLU A 121 -2.04 -10.57 -25.39
C GLU A 121 -2.74 -9.41 -26.09
N GLN A 122 -3.49 -9.70 -27.16
CA GLN A 122 -4.20 -8.64 -27.87
C GLN A 122 -5.29 -8.01 -27.00
N GLU A 123 -6.06 -8.84 -26.29
CA GLU A 123 -7.05 -8.30 -25.36
C GLU A 123 -6.40 -7.58 -24.18
N ALA A 124 -5.28 -8.11 -23.69
CA ALA A 124 -4.54 -7.42 -22.64
C ALA A 124 -4.12 -6.02 -23.08
N GLN A 125 -3.66 -5.89 -24.32
CA GLN A 125 -3.28 -4.58 -24.83
C GLN A 125 -4.51 -3.68 -24.96
N LEU A 126 -5.63 -4.25 -25.38
CA LEU A 126 -6.87 -3.49 -25.49
CA LEU A 126 -6.87 -3.49 -25.49
C LEU A 126 -7.31 -2.97 -24.12
N ILE A 127 -7.29 -3.84 -23.11
CA ILE A 127 -7.68 -3.43 -21.76
C ILE A 127 -6.64 -2.47 -21.16
N ALA A 128 -5.35 -2.75 -21.35
CA ALA A 128 -4.33 -1.87 -20.79
C ALA A 128 -4.36 -0.49 -21.45
N ALA A 129 -4.85 -0.40 -22.68
CA ALA A 129 -4.95 0.91 -23.34
C ALA A 129 -6.00 1.81 -22.70
N THR A 130 -6.87 1.28 -21.84
CA THR A 130 -7.83 2.10 -21.11
C THR A 130 -7.27 2.63 -19.79
N GLY A 131 -6.09 2.16 -19.37
CA GLY A 131 -5.47 2.60 -18.13
C GLY A 131 -5.64 1.65 -16.97
N LEU A 132 -6.41 0.58 -17.13
CA LEU A 132 -6.59 -0.39 -16.05
C LEU A 132 -5.28 -1.10 -15.74
N LYS A 133 -5.00 -1.26 -14.45
CA LYS A 133 -3.87 -2.03 -13.98
C LYS A 133 -4.27 -3.29 -13.21
N HIS A 134 -5.52 -3.38 -12.75
CA HIS A 134 -6.05 -4.58 -12.10
C HIS A 134 -6.88 -5.37 -13.10
N ILE A 135 -6.59 -6.66 -13.23
CA ILE A 135 -7.31 -7.53 -14.14
C ILE A 135 -7.77 -8.78 -13.38
N LEU A 136 -8.97 -9.26 -13.72
CA LEU A 136 -9.52 -10.49 -13.17
C LEU A 136 -9.78 -11.46 -14.33
N ILE A 137 -9.16 -12.64 -14.28
CA ILE A 137 -9.29 -13.60 -15.37
C ILE A 137 -10.21 -14.72 -14.92
N LEU A 138 -10.94 -15.28 -15.90
CA LEU A 138 -11.93 -16.32 -15.63
C LEU A 138 -11.86 -17.39 -16.71
N THR A 139 -12.14 -18.63 -16.28
CA THR A 139 -12.33 -19.77 -17.17
C THR A 139 -13.46 -20.61 -16.62
N GLY A 140 -13.95 -21.52 -17.46
CA GLY A 140 -14.81 -22.58 -16.97
C GLY A 140 -14.00 -23.68 -16.31
N GLU A 141 -14.71 -24.61 -15.68
CA GLU A 141 -14.04 -25.75 -15.04
C GLU A 141 -13.79 -26.79 -16.12
N SER A 142 -12.59 -26.75 -16.70
CA SER A 142 -12.20 -27.72 -17.73
C SER A 142 -10.68 -27.86 -17.63
N ARG A 143 -10.24 -28.84 -16.85
CA ARG A 143 -8.82 -29.14 -16.73
C ARG A 143 -8.27 -29.81 -17.97
N GLN A 144 -9.12 -30.14 -18.95
CA GLN A 144 -8.67 -30.68 -20.22
C GLN A 144 -8.39 -29.58 -21.23
N HIS A 145 -9.22 -28.54 -21.26
CA HIS A 145 -9.07 -27.48 -22.24
C HIS A 145 -8.46 -26.21 -21.66
N SER A 146 -8.59 -25.97 -20.36
CA SER A 146 -7.99 -24.80 -19.71
C SER A 146 -7.35 -25.23 -18.39
N PRO A 147 -6.33 -26.11 -18.44
CA PRO A 147 -5.69 -26.57 -17.20
C PRO A 147 -4.91 -25.47 -16.51
N VAL A 148 -4.29 -25.80 -15.37
CA VAL A 148 -3.54 -24.81 -14.60
C VAL A 148 -2.35 -24.30 -15.42
N SER A 149 -1.73 -25.18 -16.21
CA SER A 149 -0.62 -24.75 -17.06
C SER A 149 -1.05 -23.67 -18.05
N TYR A 150 -2.25 -23.79 -18.61
CA TYR A 150 -2.73 -22.77 -19.54
C TYR A 150 -2.92 -21.43 -18.85
N ILE A 151 -3.55 -21.44 -17.67
CA ILE A 151 -3.71 -20.20 -16.91
C ILE A 151 -2.36 -19.63 -16.50
N LYS A 152 -1.38 -20.51 -16.25
CA LYS A 152 -0.05 -20.05 -15.89
C LYS A 152 0.62 -19.35 -17.06
N ASP A 153 0.42 -19.84 -18.29
CA ASP A 153 0.98 -19.15 -19.45
C ASP A 153 0.28 -17.82 -19.71
N CYS A 154 -1.03 -17.74 -19.41
CA CYS A 154 -1.73 -16.47 -19.59
C CYS A 154 -1.29 -15.45 -18.56
N VAL A 155 -1.05 -15.89 -17.32
CA VAL A 155 -0.63 -14.98 -16.27
C VAL A 155 0.72 -14.36 -16.61
N ASN A 156 1.63 -15.14 -17.20
CA ASN A 156 2.95 -14.63 -17.54
C ASN A 156 2.89 -13.54 -18.60
N ILE A 157 1.95 -13.65 -19.55
CA ILE A 157 1.76 -12.58 -20.52
C ILE A 157 1.10 -11.37 -19.87
N LEU A 158 0.07 -11.60 -19.05
CA LEU A 158 -0.68 -10.50 -18.46
C LEU A 158 0.14 -9.67 -17.49
N LYS A 159 1.18 -10.25 -16.88
CA LYS A 159 1.95 -9.48 -15.91
C LYS A 159 2.85 -8.45 -16.57
N LYS A 160 2.96 -8.46 -17.90
CA LYS A 160 3.64 -7.40 -18.61
C LYS A 160 2.79 -6.14 -18.70
N TYR A 161 1.46 -6.27 -18.61
CA TYR A 161 0.55 -5.14 -18.78
C TYR A 161 -0.16 -4.72 -17.51
N PHE A 162 -0.30 -5.62 -16.54
CA PHE A 162 -1.11 -5.36 -15.35
C PHE A 162 -0.30 -5.67 -14.11
N SER A 163 -0.34 -4.76 -13.14
CA SER A 163 0.41 -4.91 -11.91
C SER A 163 -0.30 -5.78 -10.87
N SER A 164 -1.59 -6.07 -11.07
CA SER A 164 -2.34 -6.91 -10.14
C SER A 164 -3.26 -7.82 -10.94
N ILE A 165 -3.04 -9.12 -10.82
CA ILE A 165 -3.81 -10.14 -11.52
C ILE A 165 -4.56 -10.97 -10.48
N SER A 166 -5.88 -11.06 -10.66
CA SER A 166 -6.72 -11.91 -9.84
C SER A 166 -7.32 -13.00 -10.70
N ILE A 167 -7.56 -14.15 -10.10
CA ILE A 167 -8.15 -15.30 -10.78
C ILE A 167 -9.54 -15.53 -10.22
N GLU A 168 -10.47 -15.92 -11.10
CA GLU A 168 -11.78 -16.41 -10.70
C GLU A 168 -12.01 -17.66 -11.56
N ILE A 169 -11.50 -18.79 -11.07
CA ILE A 169 -11.50 -20.04 -11.81
C ILE A 169 -12.08 -21.13 -10.92
N TYR A 170 -11.94 -22.39 -11.35
CA TYR A 170 -12.35 -23.51 -10.53
C TYR A 170 -11.45 -23.62 -9.30
N PRO A 171 -11.96 -24.18 -8.20
CA PRO A 171 -11.15 -24.29 -6.99
C PRO A 171 -9.95 -25.20 -7.20
N LEU A 172 -8.85 -24.84 -6.55
CA LEU A 172 -7.58 -25.54 -6.71
C LEU A 172 -7.13 -26.09 -5.37
N THR A 173 -6.18 -27.03 -5.42
CA THR A 173 -5.49 -27.44 -4.22
C THR A 173 -4.57 -26.31 -3.74
N GLN A 174 -4.08 -26.45 -2.51
CA GLN A 174 -3.16 -25.45 -1.98
C GLN A 174 -1.90 -25.35 -2.82
N GLU A 175 -1.39 -26.48 -3.32
CA GLU A 175 -0.18 -26.44 -4.12
C GLU A 175 -0.43 -25.80 -5.49
N GLU A 176 -1.62 -25.98 -6.05
CA GLU A 176 -1.94 -25.34 -7.32
C GLU A 176 -2.01 -23.83 -7.16
N TYR A 177 -2.63 -23.35 -6.08
CA TYR A 177 -2.63 -21.92 -5.80
C TYR A 177 -1.21 -21.40 -5.61
N ALA A 178 -0.38 -22.15 -4.90
CA ALA A 178 1.00 -21.74 -4.68
C ALA A 178 1.76 -21.64 -6.00
N GLU A 179 1.41 -22.44 -6.99
CA GLU A 179 2.08 -22.38 -8.29
C GLU A 179 1.64 -21.15 -9.07
N LEU A 180 0.37 -20.77 -8.96
CA LEU A 180 -0.12 -19.57 -9.63
C LEU A 180 0.32 -18.29 -8.93
N ILE A 181 0.42 -18.32 -7.60
CA ILE A 181 0.99 -17.19 -6.86
C ILE A 181 2.44 -16.98 -7.29
N GLY A 182 3.18 -18.08 -7.47
CA GLY A 182 4.54 -17.98 -7.97
C GLY A 182 4.64 -17.49 -9.39
N ALA A 183 3.56 -17.62 -10.18
CA ALA A 183 3.56 -17.11 -11.54
C ALA A 183 3.17 -15.65 -11.62
N GLY A 184 2.59 -15.09 -10.57
CA GLY A 184 2.26 -13.67 -10.55
C GLY A 184 0.84 -13.35 -10.15
N VAL A 185 0.07 -14.35 -9.74
CA VAL A 185 -1.28 -14.11 -9.25
C VAL A 185 -1.21 -13.56 -7.83
N ASP A 186 -1.93 -12.46 -7.58
CA ASP A 186 -1.97 -11.87 -6.26
C ASP A 186 -3.37 -11.79 -5.67
N GLY A 187 -4.41 -12.13 -6.41
CA GLY A 187 -5.77 -12.05 -5.90
C GLY A 187 -6.58 -13.27 -6.27
N LEU A 188 -7.54 -13.60 -5.42
CA LEU A 188 -8.45 -14.72 -5.65
C LEU A 188 -9.89 -14.24 -5.48
N THR A 189 -10.72 -14.55 -6.46
CA THR A 189 -12.16 -14.38 -6.34
C THR A 189 -12.82 -15.74 -6.48
N ILE A 190 -13.58 -16.13 -5.46
CA ILE A 190 -14.38 -17.34 -5.55
C ILE A 190 -15.68 -17.10 -4.78
N TYR A 191 -16.80 -17.38 -5.43
CA TYR A 191 -18.12 -17.22 -4.84
C TYR A 191 -18.64 -18.60 -4.44
N GLN A 192 -18.99 -18.75 -3.17
CA GLN A 192 -19.61 -19.99 -2.72
C GLN A 192 -20.98 -20.20 -3.35
N GLU A 193 -21.56 -19.16 -3.96
CA GLU A 193 -22.85 -19.15 -4.64
C GLU A 193 -23.99 -19.24 -3.62
N VAL A 194 -24.06 -20.36 -2.90
CA VAL A 194 -25.05 -20.53 -1.83
C VAL A 194 -24.40 -21.34 -0.70
N TYR A 195 -24.58 -20.87 0.52
CA TYR A 195 -24.03 -21.55 1.69
C TYR A 195 -24.95 -22.65 2.24
N ASN A 196 -26.25 -22.58 1.97
CA ASN A 196 -27.16 -23.66 2.35
C ASN A 196 -26.83 -24.92 1.55
N GLU A 197 -26.41 -25.97 2.25
CA GLU A 197 -25.93 -27.17 1.57
C GLU A 197 -27.03 -27.85 0.76
N GLU A 198 -28.28 -27.75 1.22
CA GLU A 198 -29.37 -28.38 0.50
C GLU A 198 -29.67 -27.64 -0.79
N VAL A 199 -29.74 -26.31 -0.73
CA VAL A 199 -29.94 -25.52 -1.94
C VAL A 199 -28.76 -25.67 -2.88
N TYR A 200 -27.55 -25.70 -2.33
CA TYR A 200 -26.34 -25.87 -3.14
C TYR A 200 -26.42 -27.15 -3.97
N ALA A 201 -26.91 -28.25 -3.38
CA ALA A 201 -27.02 -29.50 -4.11
C ALA A 201 -27.97 -29.38 -5.30
N GLU A 202 -29.05 -28.59 -5.14
CA GLU A 202 -30.02 -28.43 -6.22
C GLU A 202 -29.49 -27.50 -7.32
N MET A 203 -28.71 -26.49 -6.96
CA MET A 203 -28.13 -25.58 -7.94
C MET A 203 -26.95 -26.20 -8.68
N HIS A 204 -26.42 -27.32 -8.20
CA HIS A 204 -25.23 -27.95 -8.77
C HIS A 204 -25.47 -29.44 -8.91
N PRO A 205 -26.29 -29.85 -9.88
CA PRO A 205 -26.70 -31.26 -9.96
C PRO A 205 -25.61 -32.20 -10.48
N ALA A 206 -24.55 -31.70 -11.09
CA ALA A 206 -23.56 -32.59 -11.68
C ALA A 206 -22.25 -31.83 -11.89
N GLY A 207 -21.15 -32.58 -11.76
CA GLY A 207 -19.83 -32.03 -11.98
C GLY A 207 -19.09 -31.84 -10.67
N PRO A 208 -17.76 -31.68 -10.75
CA PRO A 208 -16.97 -31.53 -9.52
C PRO A 208 -17.39 -30.36 -8.64
N LYS A 209 -18.08 -29.36 -9.20
CA LYS A 209 -18.55 -28.23 -8.39
C LYS A 209 -19.61 -28.67 -7.37
N ARG A 210 -20.24 -29.83 -7.56
CA ARG A 210 -21.18 -30.35 -6.59
C ARG A 210 -20.53 -30.60 -5.23
N ASN A 211 -19.21 -30.71 -5.19
CA ASN A 211 -18.46 -30.90 -3.94
C ASN A 211 -18.53 -29.61 -3.14
N TYR A 212 -19.43 -29.56 -2.15
CA TYR A 212 -19.68 -28.34 -1.40
C TYR A 212 -18.49 -27.96 -0.51
N ARG A 213 -17.86 -28.95 0.14
CA ARG A 213 -16.80 -28.63 1.08
C ARG A 213 -15.53 -28.15 0.37
N PHE A 214 -15.21 -28.77 -0.76
CA PHE A 214 -13.98 -28.42 -1.46
C PHE A 214 -14.00 -26.97 -1.92
N ARG A 215 -15.17 -26.48 -2.34
CA ARG A 215 -15.29 -25.09 -2.77
C ARG A 215 -15.36 -24.14 -1.57
N LEU A 216 -16.03 -24.57 -0.49
CA LEU A 216 -16.14 -23.73 0.69
C LEU A 216 -14.77 -23.43 1.30
N GLU A 217 -13.86 -24.40 1.23
CA GLU A 217 -12.54 -24.28 1.83
C GLU A 217 -11.49 -23.79 0.84
N ALA A 218 -11.89 -23.45 -0.38
CA ALA A 218 -10.93 -22.90 -1.34
C ALA A 218 -10.28 -21.60 -0.87
N PRO A 219 -11.01 -20.62 -0.32
CA PRO A 219 -10.32 -19.39 0.11
C PRO A 219 -9.27 -19.63 1.16
N GLU A 220 -9.43 -20.65 2.01
CA GLU A 220 -8.44 -20.92 3.05
C GLU A 220 -7.18 -21.53 2.46
N ARG A 221 -7.34 -22.56 1.61
CA ARG A 221 -6.19 -23.15 0.93
C ARG A 221 -5.39 -22.09 0.17
N ALA A 222 -6.08 -21.13 -0.44
CA ALA A 222 -5.39 -20.04 -1.14
C ALA A 222 -4.64 -19.16 -0.15
N CYS A 223 -5.30 -18.75 0.94
CA CYS A 223 -4.65 -17.91 1.93
C CYS A 223 -3.48 -18.62 2.58
N GLN A 224 -3.58 -19.94 2.77
CA GLN A 224 -2.46 -20.68 3.32
C GLN A 224 -1.28 -20.70 2.36
N ALA A 225 -1.55 -20.72 1.06
CA ALA A 225 -0.48 -20.69 0.06
C ALA A 225 0.15 -19.32 -0.10
N GLY A 226 -0.39 -18.29 0.56
CA GLY A 226 0.15 -16.96 0.50
C GLY A 226 -0.58 -15.98 -0.40
N MET A 227 -1.84 -16.25 -0.74
CA MET A 227 -2.60 -15.31 -1.54
C MET A 227 -2.70 -13.98 -0.80
N ARG A 228 -2.57 -12.88 -1.53
CA ARG A 228 -2.53 -11.56 -0.91
C ARG A 228 -3.92 -11.06 -0.57
N THR A 229 -4.87 -11.23 -1.48
CA THR A 229 -6.24 -10.76 -1.30
C THR A 229 -7.21 -11.85 -1.74
N VAL A 230 -8.35 -11.91 -1.06
CA VAL A 230 -9.41 -12.87 -1.38
CA VAL A 230 -9.41 -12.87 -1.38
C VAL A 230 -10.73 -12.12 -1.43
N ASN A 231 -11.52 -12.42 -2.46
CA ASN A 231 -12.85 -11.83 -2.64
C ASN A 231 -13.87 -12.95 -2.71
N ILE A 232 -14.87 -12.90 -1.84
CA ILE A 232 -15.87 -13.95 -1.70
C ILE A 232 -17.27 -13.34 -1.82
N GLY A 233 -18.29 -14.19 -1.81
CA GLY A 233 -19.66 -13.74 -1.92
C GLY A 233 -20.66 -14.81 -2.29
N ALA A 234 -21.89 -14.67 -1.81
CA ALA A 234 -22.98 -15.52 -2.24
C ALA A 234 -23.63 -14.91 -3.48
N LEU A 235 -24.18 -15.78 -4.33
CA LEU A 235 -24.87 -15.32 -5.53
C LEU A 235 -26.31 -15.00 -5.16
N LEU A 236 -26.59 -13.72 -4.93
CA LEU A 236 -27.90 -13.29 -4.48
C LEU A 236 -28.98 -13.63 -5.51
N GLY A 237 -30.00 -14.37 -5.06
CA GLY A 237 -31.05 -14.84 -5.94
C GLY A 237 -31.26 -16.34 -5.82
N LEU A 238 -30.27 -17.04 -5.27
CA LEU A 238 -30.34 -18.49 -5.18
C LEU A 238 -30.98 -19.00 -3.89
N ASN A 239 -31.07 -18.18 -2.85
CA ASN A 239 -31.57 -18.64 -1.56
C ASN A 239 -31.90 -17.42 -0.70
N ASP A 240 -32.60 -17.67 0.41
CA ASP A 240 -32.93 -16.67 1.43
C ASP A 240 -31.80 -15.66 1.59
N TRP A 241 -32.00 -14.43 1.10
CA TRP A 241 -30.89 -13.52 0.89
C TRP A 241 -30.26 -13.06 2.20
N ARG A 242 -31.08 -12.81 3.24
CA ARG A 242 -30.52 -12.37 4.51
C ARG A 242 -29.60 -13.44 5.10
N GLN A 243 -30.01 -14.71 5.03
CA GLN A 243 -29.14 -15.76 5.54
C GLN A 243 -27.86 -15.87 4.72
N GLU A 244 -27.98 -15.80 3.39
CA GLU A 244 -26.79 -15.87 2.54
C GLU A 244 -25.87 -14.68 2.79
N ALA A 245 -26.43 -13.48 2.87
CA ALA A 245 -25.61 -12.31 3.20
C ALA A 245 -24.90 -12.48 4.53
N PHE A 246 -25.60 -13.07 5.51
CA PHE A 246 -25.00 -13.29 6.82
C PHE A 246 -23.82 -14.25 6.75
N PHE A 247 -23.99 -15.36 6.03
CA PHE A 247 -22.92 -16.33 5.92
C PHE A 247 -21.75 -15.80 5.08
N THR A 248 -22.01 -14.83 4.19
CA THR A 248 -20.91 -14.17 3.49
C THR A 248 -20.09 -13.29 4.44
N GLY A 249 -20.78 -12.53 5.30
CA GLY A 249 -20.07 -11.75 6.29
C GLY A 249 -19.35 -12.62 7.30
N LEU A 250 -20.01 -13.69 7.76
CA LEU A 250 -19.38 -14.62 8.70
C LEU A 250 -18.15 -15.26 8.09
N HIS A 251 -18.25 -15.66 6.81
CA HIS A 251 -17.10 -16.24 6.14
C HIS A 251 -15.99 -15.21 5.99
N ALA A 252 -16.34 -13.98 5.63
CA ALA A 252 -15.34 -12.91 5.55
C ALA A 252 -14.67 -12.69 6.91
N ASP A 253 -15.46 -12.65 7.98
CA ASP A 253 -14.91 -12.45 9.31
C ASP A 253 -14.01 -13.61 9.72
N TYR A 254 -14.45 -14.85 9.44
CA TYR A 254 -13.65 -16.02 9.75
C TYR A 254 -12.28 -15.95 9.08
N LEU A 255 -12.26 -15.60 7.79
CA LEU A 255 -10.99 -15.52 7.06
C LEU A 255 -10.11 -14.41 7.60
N GLN A 256 -10.71 -13.27 7.94
CA GLN A 256 -9.92 -12.12 8.36
C GLN A 256 -9.28 -12.35 9.73
N ARG A 257 -9.96 -13.09 10.60
CA ARG A 257 -9.40 -13.46 11.90
C ARG A 257 -8.37 -14.56 11.79
N ARG A 258 -8.49 -15.41 10.77
CA ARG A 258 -7.55 -16.51 10.56
C ARG A 258 -6.31 -16.07 9.80
N PHE A 259 -6.45 -15.11 8.89
CA PHE A 259 -5.33 -14.59 8.11
C PHE A 259 -5.35 -13.08 8.26
N PRO A 260 -4.79 -12.56 9.36
CA PRO A 260 -4.89 -11.10 9.61
C PRO A 260 -4.16 -10.25 8.60
N ASP A 261 -3.25 -10.81 7.81
CA ASP A 261 -2.49 -10.05 6.83
C ASP A 261 -3.08 -10.11 5.43
N VAL A 262 -4.10 -10.92 5.21
CA VAL A 262 -4.77 -10.99 3.90
C VAL A 262 -5.84 -9.92 3.84
N GLU A 263 -5.94 -9.26 2.68
CA GLU A 263 -7.03 -8.33 2.43
C GLU A 263 -8.27 -9.11 1.99
N VAL A 264 -9.32 -9.07 2.82
CA VAL A 264 -10.54 -9.81 2.55
C VAL A 264 -11.61 -8.85 2.05
N SER A 265 -12.27 -9.22 0.96
CA SER A 265 -13.34 -8.41 0.40
CA SER A 265 -13.34 -8.40 0.39
C SER A 265 -14.51 -9.30 0.04
N ILE A 266 -15.69 -8.67 -0.13
CA ILE A 266 -16.88 -9.39 -0.54
C ILE A 266 -17.47 -8.70 -1.77
N SER A 267 -18.32 -9.45 -2.46
CA SER A 267 -19.16 -8.95 -3.54
C SER A 267 -20.59 -9.35 -3.25
N PRO A 268 -21.56 -8.53 -3.64
CA PRO A 268 -22.96 -8.95 -3.54
C PRO A 268 -23.56 -9.11 -4.91
N PRO A 269 -23.13 -10.10 -5.69
CA PRO A 269 -23.61 -10.21 -7.08
C PRO A 269 -25.02 -10.77 -7.13
N ARG A 270 -25.88 -10.10 -7.90
CA ARG A 270 -27.25 -10.55 -8.12
C ARG A 270 -27.35 -11.32 -9.44
N MET A 271 -28.22 -12.31 -9.46
CA MET A 271 -28.40 -13.10 -10.68
C MET A 271 -28.93 -12.24 -11.82
N ARG A 272 -28.48 -12.57 -13.02
CA ARG A 272 -28.80 -11.85 -14.24
C ARG A 272 -29.33 -12.81 -15.27
N PRO A 273 -30.03 -12.31 -16.29
CA PRO A 273 -30.44 -13.18 -17.39
C PRO A 273 -29.23 -13.86 -18.03
N HIS A 274 -29.46 -15.06 -18.57
CA HIS A 274 -28.36 -15.88 -19.05
C HIS A 274 -28.92 -16.94 -20.00
N LEU A 275 -28.04 -17.42 -20.87
CA LEU A 275 -28.35 -18.59 -21.69
C LEU A 275 -28.74 -19.75 -20.78
N GLY A 276 -29.91 -20.33 -21.04
CA GLY A 276 -30.43 -21.37 -20.18
C GLY A 276 -31.78 -20.97 -19.59
N GLY A 277 -31.88 -19.75 -19.09
CA GLY A 277 -33.16 -19.21 -18.66
C GLY A 277 -33.64 -19.63 -17.29
N PHE A 278 -32.74 -20.00 -16.40
CA PHE A 278 -33.16 -20.39 -15.05
C PHE A 278 -33.61 -19.17 -14.26
N PRO A 279 -34.81 -19.18 -13.67
CA PRO A 279 -35.27 -18.04 -12.87
C PRO A 279 -34.74 -18.12 -11.45
N PRO A 280 -34.32 -16.98 -10.90
CA PRO A 280 -33.85 -16.99 -9.50
C PRO A 280 -34.95 -17.41 -8.54
N ARG A 281 -34.53 -18.04 -7.44
CA ARG A 281 -35.48 -18.59 -6.47
C ARG A 281 -36.16 -17.50 -5.64
N VAL A 282 -35.38 -16.50 -5.20
CA VAL A 282 -35.92 -15.39 -4.44
C VAL A 282 -35.54 -14.09 -5.14
N VAL A 283 -36.41 -13.09 -4.99
CA VAL A 283 -36.17 -11.76 -5.52
C VAL A 283 -35.37 -10.97 -4.50
N VAL A 284 -34.29 -10.34 -4.96
CA VAL A 284 -33.49 -9.45 -4.13
C VAL A 284 -33.63 -8.05 -4.73
N SER A 285 -34.23 -7.14 -3.96
CA SER A 285 -34.49 -5.80 -4.47
C SER A 285 -33.25 -4.93 -4.34
N ASP A 286 -33.34 -3.72 -4.90
CA ASP A 286 -32.26 -2.76 -4.78
C ASP A 286 -32.07 -2.30 -3.33
N GLN A 287 -33.15 -2.26 -2.55
CA GLN A 287 -33.00 -1.89 -1.14
C GLN A 287 -32.36 -3.01 -0.34
N ASN A 288 -32.68 -4.27 -0.65
CA ASN A 288 -31.99 -5.38 -0.02
C ASN A 288 -30.48 -5.29 -0.27
N LEU A 289 -30.10 -5.04 -1.52
CA LEU A 289 -28.69 -4.92 -1.87
C LEU A 289 -28.03 -3.78 -1.10
N VAL A 290 -28.73 -2.66 -0.96
CA VAL A 290 -28.17 -1.53 -0.22
C VAL A 290 -27.99 -1.89 1.25
N GLN A 291 -29.03 -2.48 1.87
CA GLN A 291 -28.92 -2.86 3.28
C GLN A 291 -27.80 -3.85 3.51
N TYR A 292 -27.64 -4.81 2.59
CA TYR A 292 -26.52 -5.75 2.67
C TYR A 292 -25.18 -5.02 2.71
N VAL A 293 -24.95 -4.11 1.75
CA VAL A 293 -23.67 -3.39 1.69
C VAL A 293 -23.46 -2.56 2.94
N LEU A 294 -24.47 -1.76 3.31
CA LEU A 294 -24.34 -0.90 4.49
C LEU A 294 -24.05 -1.72 5.74
N ALA A 295 -24.77 -2.83 5.92
CA ALA A 295 -24.60 -3.65 7.11
C ALA A 295 -23.20 -4.25 7.18
N PHE A 296 -22.68 -4.71 6.05
CA PHE A 296 -21.36 -5.32 6.05
C PHE A 296 -20.26 -4.29 6.26
N ARG A 297 -20.43 -3.07 5.73
CA ARG A 297 -19.44 -2.03 5.96
C ARG A 297 -19.33 -1.72 7.45
N LEU A 298 -20.47 -1.67 8.15
CA LEU A 298 -20.43 -1.45 9.60
CA LEU A 298 -20.43 -1.43 9.59
C LEU A 298 -19.81 -2.62 10.33
N PHE A 299 -20.00 -3.84 9.82
CA PHE A 299 -19.45 -5.02 10.47
C PHE A 299 -17.93 -5.11 10.29
N MET A 300 -17.44 -4.88 9.08
CA MET A 300 -16.00 -4.95 8.77
C MET A 300 -15.59 -3.69 8.03
N PRO A 301 -15.33 -2.61 8.75
CA PRO A 301 -15.11 -1.30 8.11
C PRO A 301 -13.94 -1.26 7.15
N ARG A 302 -12.93 -2.12 7.31
CA ARG A 302 -11.74 -2.07 6.47
C ARG A 302 -11.78 -3.06 5.32
N SER A 303 -12.85 -3.82 5.18
CA SER A 303 -12.97 -4.81 4.12
C SER A 303 -13.49 -4.16 2.84
N GLY A 304 -12.89 -4.55 1.72
CA GLY A 304 -13.33 -4.01 0.44
C GLY A 304 -14.67 -4.57 0.04
N ILE A 305 -15.41 -3.79 -0.75
CA ILE A 305 -16.72 -4.19 -1.23
C ILE A 305 -16.76 -3.91 -2.72
N THR A 306 -16.82 -4.97 -3.52
CA THR A 306 -16.73 -4.90 -4.97
C THR A 306 -18.13 -4.88 -5.59
N LEU A 307 -18.32 -4.02 -6.59
CA LEU A 307 -19.61 -3.88 -7.25
C LEU A 307 -19.41 -4.06 -8.74
N SER A 308 -19.98 -5.14 -9.28
CA SER A 308 -19.78 -5.49 -10.68
C SER A 308 -20.80 -4.80 -11.58
N THR A 309 -20.71 -5.11 -12.87
CA THR A 309 -21.63 -4.56 -13.86
C THR A 309 -22.93 -5.37 -13.96
N ARG A 310 -23.15 -6.31 -13.03
CA ARG A 310 -24.47 -6.91 -12.92
C ARG A 310 -25.51 -5.87 -12.53
N GLU A 311 -25.09 -4.79 -11.87
CA GLU A 311 -25.99 -3.72 -11.47
C GLU A 311 -26.02 -2.62 -12.51
N ASN A 312 -27.19 -1.99 -12.66
CA ASN A 312 -27.36 -0.93 -13.64
C ASN A 312 -26.57 0.31 -13.22
N GLY A 313 -26.36 1.20 -14.19
CA GLY A 313 -25.48 2.33 -13.95
C GLY A 313 -26.04 3.30 -12.92
N ARG A 314 -27.37 3.48 -12.91
CA ARG A 314 -27.95 4.44 -11.98
C ARG A 314 -27.83 3.96 -10.54
N LEU A 315 -28.00 2.65 -10.32
CA LEU A 315 -27.83 2.12 -8.98
C LEU A 315 -26.37 2.17 -8.54
N ARG A 316 -25.43 1.83 -9.45
CA ARG A 316 -24.01 1.91 -9.11
C ARG A 316 -23.59 3.35 -8.83
N ASP A 317 -24.17 4.33 -9.52
CA ASP A 317 -23.88 5.72 -9.21
C ASP A 317 -24.38 6.11 -7.82
N ALA A 318 -25.51 5.55 -7.39
CA ALA A 318 -25.99 5.86 -6.05
C ALA A 318 -25.12 5.24 -4.97
N MET A 319 -24.56 4.07 -5.24
CA MET A 319 -23.79 3.31 -4.26
C MET A 319 -22.32 3.68 -4.21
N VAL A 320 -21.89 4.70 -4.97
CA VAL A 320 -20.51 5.18 -4.86
C VAL A 320 -20.22 5.65 -3.44
N ARG A 321 -21.20 6.32 -2.81
CA ARG A 321 -21.05 6.88 -1.48
C ARG A 321 -21.56 5.97 -0.38
N LEU A 322 -21.81 4.69 -0.67
CA LEU A 322 -22.48 3.82 0.30
C LEU A 322 -21.61 2.68 0.80
N GLY A 323 -20.31 2.70 0.56
CA GLY A 323 -19.40 1.68 1.05
C GLY A 323 -18.72 0.85 -0.01
N VAL A 324 -19.13 0.98 -1.27
CA VAL A 324 -18.43 0.29 -2.36
C VAL A 324 -17.05 0.90 -2.52
N THR A 325 -16.04 0.02 -2.67
CA THR A 325 -14.66 0.45 -2.82
C THR A 325 -14.03 -0.02 -4.13
N LYS A 326 -14.68 -0.89 -4.88
CA LYS A 326 -14.12 -1.45 -6.10
C LYS A 326 -15.25 -1.65 -7.10
N MET A 327 -15.07 -1.13 -8.32
CA MET A 327 -16.07 -1.26 -9.37
C MET A 327 -15.43 -1.79 -10.64
N SER A 328 -16.18 -2.60 -11.38
CA SER A 328 -15.75 -3.01 -12.71
C SER A 328 -16.29 -2.03 -13.75
N ALA A 329 -15.55 -1.90 -14.84
CA ALA A 329 -15.97 -1.06 -15.96
C ALA A 329 -15.48 -1.69 -17.25
N GLY A 330 -16.17 -1.34 -18.35
CA GLY A 330 -15.80 -1.88 -19.65
C GLY A 330 -15.78 -3.39 -19.71
N SER A 331 -16.70 -4.04 -18.99
CA SER A 331 -16.63 -5.47 -18.81
C SER A 331 -17.17 -6.21 -20.04
N CYS A 332 -16.83 -7.50 -20.10
CA CYS A 332 -17.37 -8.41 -21.10
C CYS A 332 -17.34 -9.82 -20.53
N THR A 333 -18.47 -10.51 -20.56
CA THR A 333 -18.61 -11.84 -20.00
C THR A 333 -18.48 -12.95 -21.03
N ALA A 334 -18.09 -12.63 -22.27
CA ALA A 334 -17.95 -13.61 -23.33
C ALA A 334 -16.49 -13.74 -23.73
N VAL A 335 -16.12 -14.95 -24.15
CA VAL A 335 -14.75 -15.22 -24.57
C VAL A 335 -14.51 -14.56 -25.93
N GLY A 336 -13.72 -13.50 -25.96
CA GLY A 336 -13.48 -12.76 -27.19
C GLY A 336 -14.60 -11.83 -27.60
N GLY A 337 -15.52 -11.52 -26.69
CA GLY A 337 -16.65 -10.67 -27.02
C GLY A 337 -16.30 -9.21 -27.23
N ARG A 338 -15.14 -8.76 -26.74
CA ARG A 338 -14.72 -7.39 -27.00
C ARG A 338 -14.44 -7.16 -28.49
N SER A 339 -14.13 -8.23 -29.23
CA SER A 339 -13.98 -8.15 -30.68
C SER A 339 -15.06 -8.95 -31.42
N ASP A 340 -16.15 -9.29 -30.73
CA ASP A 340 -17.23 -10.07 -31.34
C ASP A 340 -18.52 -9.76 -30.57
N GLN A 341 -19.38 -8.91 -31.14
CA GLN A 341 -20.60 -8.51 -30.46
C GLN A 341 -21.62 -9.65 -30.37
N GLU A 342 -21.50 -10.68 -31.21
CA GLU A 342 -22.41 -11.81 -31.18
C GLU A 342 -21.95 -12.93 -30.26
N ALA A 343 -20.82 -12.77 -29.58
CA ALA A 343 -20.32 -13.81 -28.69
C ALA A 343 -21.22 -13.95 -27.48
N VAL A 344 -21.48 -15.19 -27.09
CA VAL A 344 -22.39 -15.48 -25.98
C VAL A 344 -21.63 -15.39 -24.67
N GLY A 345 -22.15 -14.60 -23.74
CA GLY A 345 -21.52 -14.44 -22.45
C GLY A 345 -22.05 -15.39 -21.38
N GLN A 346 -21.38 -15.40 -20.24
CA GLN A 346 -21.81 -16.22 -19.12
C GLN A 346 -23.17 -15.74 -18.59
N PHE A 347 -23.41 -14.45 -18.65
CA PHE A 347 -24.67 -13.83 -18.24
C PHE A 347 -24.72 -12.44 -18.88
N GLN A 348 -25.89 -11.81 -18.77
CA GLN A 348 -26.10 -10.48 -19.36
C GLN A 348 -25.66 -9.40 -18.38
N ILE A 349 -24.74 -8.54 -18.81
CA ILE A 349 -24.34 -7.43 -17.97
C ILE A 349 -25.39 -6.32 -18.06
N SER A 350 -25.39 -5.44 -17.06
CA SER A 350 -26.31 -4.32 -17.00
C SER A 350 -25.63 -2.99 -17.31
N ASP A 351 -24.56 -2.66 -16.59
CA ASP A 351 -23.83 -1.41 -16.80
C ASP A 351 -22.82 -1.61 -17.91
N GLU A 352 -23.11 -1.07 -19.09
CA GLU A 352 -22.25 -1.23 -20.26
C GLU A 352 -21.23 -0.11 -20.41
N ARG A 353 -21.08 0.75 -19.40
CA ARG A 353 -20.20 1.91 -19.53
C ARG A 353 -18.74 1.49 -19.59
N THR A 354 -17.96 2.26 -20.35
CA THR A 354 -16.53 1.99 -20.47
C THR A 354 -15.80 2.38 -19.19
N VAL A 355 -14.49 2.12 -19.17
CA VAL A 355 -13.64 2.60 -18.08
C VAL A 355 -13.71 4.12 -17.99
N ALA A 356 -13.56 4.79 -19.14
CA ALA A 356 -13.52 6.25 -19.15
C ALA A 356 -14.83 6.86 -18.67
N GLU A 357 -15.97 6.29 -19.08
CA GLU A 357 -17.25 6.82 -18.63
C GLU A 357 -17.44 6.61 -17.12
N VAL A 358 -16.99 5.47 -16.61
CA VAL A 358 -17.10 5.23 -15.17
C VAL A 358 -16.15 6.15 -14.41
N ALA A 359 -14.94 6.36 -14.94
CA ALA A 359 -13.99 7.25 -14.29
C ALA A 359 -14.51 8.69 -14.28
N ALA A 360 -15.11 9.14 -15.39
CA ALA A 360 -15.61 10.50 -15.44
C ALA A 360 -16.79 10.70 -14.51
N MET A 361 -17.61 9.67 -14.33
CA MET A 361 -18.71 9.73 -13.36
C MET A 361 -18.16 9.85 -11.94
N LEU A 362 -17.11 9.10 -11.61
CA LEU A 362 -16.56 9.14 -10.26
C LEU A 362 -15.98 10.51 -9.94
N TYR A 363 -15.23 11.09 -10.88
CA TYR A 363 -14.74 12.46 -10.72
C TYR A 363 -15.87 13.42 -10.40
N ALA A 364 -17.00 13.26 -11.10
CA ALA A 364 -18.12 14.18 -10.95
C ALA A 364 -18.75 14.11 -9.58
N GLN A 365 -18.62 12.96 -8.90
CA GLN A 365 -19.13 12.80 -7.56
C GLN A 365 -18.11 13.20 -6.49
N GLY A 366 -16.97 13.76 -6.90
CA GLY A 366 -15.92 14.07 -5.95
C GLY A 366 -15.05 12.91 -5.54
N TYR A 367 -15.06 11.82 -6.32
CA TYR A 367 -14.27 10.63 -6.03
C TYR A 367 -13.12 10.50 -7.01
N GLN A 368 -12.02 9.92 -6.53
CA GLN A 368 -10.81 9.73 -7.31
C GLN A 368 -10.76 8.29 -7.83
N PRO A 369 -11.02 8.04 -9.10
CA PRO A 369 -10.79 6.70 -9.64
C PRO A 369 -9.31 6.35 -9.55
N VAL A 370 -9.02 5.17 -8.98
CA VAL A 370 -7.66 4.68 -8.91
C VAL A 370 -7.58 3.34 -9.65
N TYR A 371 -6.35 2.98 -10.04
CA TYR A 371 -6.13 1.77 -10.81
C TYR A 371 -5.19 0.80 -10.13
N LYS A 372 -4.40 1.24 -9.16
CA LYS A 372 -3.61 0.36 -8.32
C LYS A 372 -4.19 0.37 -6.91
N ASP A 373 -4.23 -0.82 -6.29
CA ASP A 373 -4.94 -0.96 -5.01
C ASP A 373 -4.28 -0.23 -3.85
N TRP A 374 -2.98 0.03 -3.93
CA TRP A 374 -2.33 0.73 -2.82
C TRP A 374 -2.63 2.22 -2.80
N GLN A 375 -3.30 2.74 -3.82
CA GLN A 375 -3.65 4.16 -3.86
C GLN A 375 -4.97 4.47 -3.16
N ALA A 376 -5.69 3.46 -2.68
CA ALA A 376 -6.95 3.67 -1.98
C ALA A 376 -6.65 3.99 -0.53
N LEU A 377 -6.54 5.29 -0.24
CA LEU A 377 -6.37 5.78 1.12
C LEU A 377 -6.71 7.26 1.19
N GLY B 12 -6.92 12.97 8.97
CA GLY B 12 -6.49 12.08 7.90
C GLY B 12 -5.05 12.29 7.49
N THR B 13 -4.12 12.02 8.40
CA THR B 13 -2.69 12.13 8.14
C THR B 13 -2.01 10.85 8.64
N PHE B 14 -0.68 10.84 8.56
CA PHE B 14 0.06 9.67 9.02
C PHE B 14 -0.06 9.47 10.52
N TYR B 15 -0.53 10.48 11.25
CA TYR B 15 -0.73 10.30 12.69
C TYR B 15 -1.85 9.31 12.98
N ASP B 16 -2.77 9.09 12.04
CA ASP B 16 -3.75 8.03 12.22
C ASP B 16 -3.08 6.66 12.19
N VAL B 17 -2.01 6.52 11.41
CA VAL B 17 -1.27 5.27 11.40
C VAL B 17 -0.49 5.09 12.70
N ILE B 18 0.06 6.18 13.23
CA ILE B 18 0.78 6.11 14.50
C ILE B 18 -0.14 5.66 15.62
N GLU B 19 -1.38 6.15 15.62
CA GLU B 19 -2.32 5.76 16.67
C GLU B 19 -2.71 4.28 16.56
N ASP B 20 -2.85 3.78 15.33
CA ASP B 20 -3.23 2.38 15.14
C ASP B 20 -2.16 1.43 15.66
N TYR B 21 -0.89 1.81 15.57
CA TYR B 21 0.23 0.98 16.04
C TYR B 21 0.69 1.36 17.43
N ARG B 22 -0.04 2.24 18.12
CA ARG B 22 0.39 2.75 19.42
C ARG B 22 0.63 1.62 20.42
N HIS B 23 -0.24 0.61 20.43
CA HIS B 23 -0.17 -0.48 21.38
C HIS B 23 0.26 -1.80 20.73
N PHE B 24 0.87 -1.73 19.55
CA PHE B 24 1.41 -2.92 18.90
C PHE B 24 2.52 -3.51 19.77
N ASP B 25 2.51 -4.84 19.93
CA ASP B 25 3.46 -5.54 20.78
C ASP B 25 4.53 -6.17 19.89
N PHE B 26 5.65 -5.45 19.73
CA PHE B 26 6.70 -5.91 18.81
C PHE B 26 7.41 -7.15 19.33
N ALA B 27 7.66 -7.21 20.64
CA ALA B 27 8.30 -8.40 21.22
C ALA B 27 7.46 -9.64 20.99
N ALA B 28 6.14 -9.54 21.17
CA ALA B 28 5.28 -10.69 20.94
C ALA B 28 5.32 -11.12 19.48
N TYR B 29 5.44 -10.18 18.55
CA TYR B 29 5.42 -10.50 17.13
C TYR B 29 6.71 -11.20 16.71
N PHE B 30 7.87 -10.60 17.04
CA PHE B 30 9.16 -11.18 16.68
C PHE B 30 9.30 -12.59 17.24
N ALA B 31 8.78 -12.83 18.45
CA ALA B 31 8.81 -14.16 19.03
C ALA B 31 8.01 -15.18 18.22
N LYS B 32 7.02 -14.74 17.45
CA LYS B 32 6.22 -15.65 16.64
C LYS B 32 6.80 -15.90 15.25
N VAL B 33 7.86 -15.19 14.88
CA VAL B 33 8.42 -15.31 13.53
C VAL B 33 9.22 -16.59 13.43
N THR B 34 8.97 -17.37 12.38
CA THR B 34 9.73 -18.58 12.08
C THR B 34 10.49 -18.42 10.78
N ASP B 35 11.40 -19.36 10.52
CA ASP B 35 12.16 -19.35 9.28
C ASP B 35 11.25 -19.47 8.06
N SER B 36 10.14 -20.20 8.19
CA SER B 36 9.23 -20.37 7.07
C SER B 36 8.55 -19.07 6.68
N ASP B 37 8.33 -18.18 7.64
CA ASP B 37 7.78 -16.86 7.31
C ASP B 37 8.77 -16.04 6.48
N VAL B 38 10.06 -16.14 6.82
CA VAL B 38 11.07 -15.34 6.12
C VAL B 38 11.27 -15.87 4.70
N ARG B 39 11.38 -17.19 4.55
CA ARG B 39 11.55 -17.75 3.22
C ARG B 39 10.39 -17.38 2.30
N ARG B 40 9.15 -17.54 2.79
CA ARG B 40 7.98 -17.19 2.00
C ARG B 40 8.06 -15.75 1.50
N ILE B 41 8.41 -14.82 2.39
CA ILE B 41 8.50 -13.41 2.01
C ILE B 41 9.54 -13.21 0.92
N LEU B 42 10.69 -13.87 1.05
CA LEU B 42 11.73 -13.77 0.03
C LEU B 42 11.26 -14.23 -1.35
N ARG B 43 10.19 -15.02 -1.42
CA ARG B 43 9.62 -15.46 -2.68
C ARG B 43 8.54 -14.53 -3.20
N GLN B 44 8.24 -13.44 -2.50
CA GLN B 44 7.16 -12.55 -2.88
C GLN B 44 7.68 -11.37 -3.69
N ASP B 45 6.82 -10.83 -4.54
CA ASP B 45 7.13 -9.64 -5.32
C ASP B 45 6.66 -8.37 -4.63
N ARG B 46 5.53 -8.43 -3.94
CA ARG B 46 4.98 -7.31 -3.19
C ARG B 46 4.93 -7.68 -1.72
N LEU B 47 5.29 -6.74 -0.85
CA LEU B 47 5.36 -6.99 0.58
C LEU B 47 4.38 -6.09 1.33
N SER B 48 3.71 -6.66 2.32
CA SER B 48 2.84 -5.90 3.20
C SER B 48 3.67 -5.22 4.28
N ALA B 49 3.00 -4.43 5.13
CA ALA B 49 3.68 -3.78 6.23
C ALA B 49 4.29 -4.79 7.19
N LEU B 50 3.55 -5.86 7.51
CA LEU B 50 4.07 -6.84 8.44
C LEU B 50 5.12 -7.75 7.79
N ASP B 51 5.01 -7.96 6.47
CA ASP B 51 6.12 -8.57 5.73
C ASP B 51 7.41 -7.78 5.95
N PHE B 52 7.32 -6.45 5.83
CA PHE B 52 8.47 -5.60 6.09
C PHE B 52 8.96 -5.74 7.53
N LEU B 53 8.02 -5.75 8.49
CA LEU B 53 8.38 -5.97 9.88
C LEU B 53 9.08 -7.31 10.07
N THR B 54 8.58 -8.35 9.40
CA THR B 54 9.21 -9.67 9.50
C THR B 54 10.63 -9.68 8.94
N LEU B 55 10.91 -8.87 7.92
CA LEU B 55 12.27 -8.78 7.43
C LEU B 55 13.18 -7.98 8.36
N LEU B 56 12.62 -7.32 9.36
CA LEU B 56 13.39 -6.63 10.38
C LEU B 56 13.55 -7.43 11.66
N SER B 57 13.06 -8.68 11.67
CA SER B 57 13.05 -9.51 12.87
C SER B 57 14.42 -10.10 13.15
N PRO B 58 14.67 -10.54 14.38
CA PRO B 58 15.91 -11.27 14.66
C PRO B 58 16.03 -12.58 13.90
N GLN B 59 14.91 -13.25 13.63
CA GLN B 59 14.96 -14.47 12.83
C GLN B 59 15.44 -14.19 11.41
N ALA B 60 15.11 -13.02 10.86
CA ALA B 60 15.48 -12.66 9.51
C ALA B 60 16.98 -12.43 9.34
N GLU B 61 17.73 -12.30 10.44
CA GLU B 61 19.18 -12.15 10.35
C GLU B 61 19.84 -13.37 9.73
N ALA B 62 19.24 -14.54 9.87
CA ALA B 62 19.80 -15.75 9.27
C ALA B 62 19.64 -15.79 7.76
N TYR B 63 18.96 -14.82 7.16
CA TYR B 63 18.73 -14.79 5.72
C TYR B 63 19.28 -13.53 5.08
N LEU B 64 20.24 -12.85 5.74
CA LEU B 64 20.74 -11.58 5.23
C LEU B 64 21.41 -11.74 3.86
N GLU B 65 22.18 -12.82 3.68
CA GLU B 65 22.81 -13.04 2.39
C GLU B 65 21.78 -13.18 1.28
N GLU B 66 20.69 -13.91 1.56
CA GLU B 66 19.61 -14.02 0.57
C GLU B 66 18.98 -12.66 0.30
N MET B 67 18.63 -11.94 1.36
CA MET B 67 18.04 -10.62 1.18
C MET B 67 18.99 -9.66 0.46
N ALA B 68 20.30 -9.82 0.69
CA ALA B 68 21.27 -8.98 0.01
C ALA B 68 21.25 -9.20 -1.50
N GLN B 69 21.28 -10.46 -1.93
CA GLN B 69 21.27 -10.77 -3.36
C GLN B 69 20.02 -10.24 -4.02
N LYS B 70 18.86 -10.37 -3.36
CA LYS B 70 17.61 -9.91 -3.96
C LYS B 70 17.49 -8.40 -3.92
N ALA B 71 17.89 -7.77 -2.81
CA ALA B 71 17.89 -6.31 -2.74
C ALA B 71 18.80 -5.71 -3.81
N HIS B 72 19.95 -6.36 -4.08
CA HIS B 72 20.84 -5.81 -5.09
C HIS B 72 20.24 -5.91 -6.49
N ARG B 73 19.60 -7.05 -6.79
CA ARG B 73 18.96 -7.20 -8.10
C ARG B 73 17.84 -6.18 -8.28
N LEU B 74 17.03 -5.96 -7.23
CA LEU B 74 15.93 -5.02 -7.35
C LEU B 74 16.43 -3.59 -7.52
N THR B 75 17.50 -3.22 -6.80
CA THR B 75 18.03 -1.86 -6.91
C THR B 75 18.57 -1.58 -8.31
N VAL B 76 19.30 -2.54 -8.89
CA VAL B 76 19.80 -2.38 -10.25
C VAL B 76 18.65 -2.33 -11.24
N GLN B 77 17.62 -3.15 -11.02
CA GLN B 77 16.48 -3.19 -11.95
C GLN B 77 15.82 -1.83 -12.08
N HIS B 78 15.66 -1.10 -10.96
CA HIS B 78 14.99 0.18 -10.96
C HIS B 78 15.93 1.38 -11.06
N PHE B 79 17.18 1.24 -10.61
CA PHE B 79 18.12 2.35 -10.61
C PHE B 79 19.36 2.13 -11.46
N GLY B 80 19.55 0.94 -12.02
CA GLY B 80 20.82 0.70 -12.69
C GLY B 80 21.97 0.70 -11.69
N ARG B 81 23.18 0.65 -12.24
CA ARG B 81 24.39 0.74 -11.43
C ARG B 81 24.83 2.21 -11.32
N THR B 82 24.00 2.99 -10.65
CA THR B 82 24.20 4.43 -10.55
C THR B 82 24.16 4.85 -9.09
N MET B 83 24.76 6.01 -8.83
CA MET B 83 24.80 6.56 -7.48
C MET B 83 24.73 8.08 -7.57
N LEU B 84 23.67 8.65 -7.01
CA LEU B 84 23.51 10.10 -7.00
C LEU B 84 24.35 10.72 -5.90
N LEU B 85 25.00 11.84 -6.21
CA LEU B 85 25.85 12.52 -5.24
C LEU B 85 25.30 13.90 -4.94
N TYR B 86 25.48 14.32 -3.69
CA TYR B 86 25.07 15.64 -3.21
C TYR B 86 25.96 15.99 -2.03
N THR B 87 25.76 17.17 -1.47
CA THR B 87 26.46 17.55 -0.25
C THR B 87 25.59 18.53 0.51
N PRO B 88 25.75 18.62 1.83
CA PRO B 88 24.99 19.59 2.61
C PRO B 88 25.67 20.95 2.65
N LEU B 89 24.84 21.97 2.86
CA LEU B 89 25.32 23.35 3.01
C LEU B 89 24.60 23.94 4.21
N TYR B 90 25.30 24.05 5.34
CA TYR B 90 24.71 24.68 6.52
C TYR B 90 24.75 26.20 6.37
N LEU B 91 23.56 26.81 6.39
CA LEU B 91 23.45 28.26 6.21
C LEU B 91 23.55 29.03 7.51
N ALA B 92 23.14 28.43 8.63
CA ALA B 92 23.07 29.14 9.90
C ALA B 92 22.82 28.11 11.00
N ASN B 93 23.29 28.42 12.21
CA ASN B 93 23.18 27.49 13.33
C ASN B 93 22.46 28.08 14.53
N TYR B 94 21.78 29.21 14.37
CA TYR B 94 20.92 29.73 15.42
C TYR B 94 19.75 28.78 15.64
N CYS B 95 19.51 28.41 16.89
CA CYS B 95 18.42 27.48 17.16
C CYS B 95 17.82 27.73 18.54
N VAL B 96 16.50 27.62 18.64
CA VAL B 96 15.78 27.75 19.89
C VAL B 96 15.41 26.41 20.48
N ASN B 97 15.69 25.31 19.78
CA ASN B 97 15.36 23.98 20.26
C ASN B 97 16.48 23.45 21.15
N GLN B 98 16.10 22.59 22.07
CA GLN B 98 17.01 22.00 23.05
C GLN B 98 17.19 20.49 22.81
N CYS B 99 17.18 20.09 21.54
CA CYS B 99 17.39 18.68 21.18
C CYS B 99 18.64 18.15 21.85
N VAL B 100 18.48 17.08 22.63
CA VAL B 100 19.58 16.60 23.47
C VAL B 100 20.72 16.04 22.63
N TYR B 101 20.43 15.54 21.43
CA TYR B 101 21.40 14.82 20.63
C TYR B 101 22.18 15.70 19.66
N CYS B 102 21.93 17.01 19.64
CA CYS B 102 22.41 17.88 18.58
C CYS B 102 23.45 18.87 19.08
N GLY B 103 24.45 19.16 18.24
CA GLY B 103 25.50 20.11 18.59
C GLY B 103 25.04 21.55 18.58
N PHE B 104 23.92 21.86 17.93
CA PHE B 104 23.41 23.21 17.84
C PHE B 104 22.35 23.53 18.88
N GLN B 105 22.11 22.61 19.83
CA GLN B 105 21.08 22.82 20.83
C GLN B 105 21.32 24.10 21.63
N LEU B 106 20.24 24.69 22.12
CA LEU B 106 20.29 26.05 22.65
C LEU B 106 21.29 26.16 23.79
N LYS B 107 21.38 25.14 24.65
CA LYS B 107 22.24 25.22 25.82
C LYS B 107 23.72 25.04 25.50
N ASN B 108 24.07 24.66 24.26
CA ASN B 108 25.46 24.54 23.88
C ASN B 108 26.06 25.92 23.62
N LYS B 109 27.30 26.11 24.05
CA LYS B 109 28.02 27.37 23.90
C LYS B 109 28.94 27.25 22.69
N LEU B 110 28.51 27.84 21.57
CA LEU B 110 29.36 27.91 20.39
C LEU B 110 29.06 29.22 19.68
N GLU B 111 29.95 29.59 18.76
CA GLU B 111 29.79 30.83 18.00
C GLU B 111 28.64 30.65 17.01
N ARG B 112 27.52 31.31 17.27
CA ARG B 112 26.38 31.25 16.37
C ARG B 112 26.64 32.13 15.15
N LYS B 113 26.45 31.56 13.97
CA LYS B 113 26.78 32.23 12.72
C LYS B 113 25.68 32.00 11.70
N LYS B 114 25.46 33.02 10.87
CA LYS B 114 24.54 32.94 9.74
C LYS B 114 25.26 33.49 8.51
N LEU B 115 25.28 32.69 7.45
CA LEU B 115 26.03 33.07 6.25
C LEU B 115 25.39 34.27 5.57
N THR B 116 26.22 35.25 5.20
CA THR B 116 25.77 36.32 4.34
C THR B 116 25.56 35.79 2.92
N LEU B 117 24.79 36.55 2.13
CA LEU B 117 24.48 36.09 0.78
C LEU B 117 25.73 35.95 -0.08
N ALA B 118 26.75 36.79 0.16
CA ALA B 118 28.01 36.61 -0.55
C ALA B 118 28.74 35.37 -0.10
N GLU B 119 28.63 35.02 1.19
CA GLU B 119 29.24 33.79 1.66
C GLU B 119 28.52 32.56 1.11
N VAL B 120 27.20 32.64 0.97
CA VAL B 120 26.45 31.55 0.36
C VAL B 120 26.89 31.37 -1.09
N GLU B 121 27.03 32.48 -1.83
CA GLU B 121 27.45 32.38 -3.22
C GLU B 121 28.88 31.87 -3.34
N GLN B 122 29.78 32.33 -2.46
CA GLN B 122 31.16 31.86 -2.51
C GLN B 122 31.25 30.38 -2.18
N GLU B 123 30.46 29.91 -1.20
CA GLU B 123 30.46 28.49 -0.89
C GLU B 123 29.77 27.68 -1.97
N ALA B 124 28.77 28.28 -2.65
CA ALA B 124 28.09 27.59 -3.74
C ALA B 124 29.02 27.38 -4.93
N GLN B 125 29.87 28.37 -5.23
CA GLN B 125 30.83 28.20 -6.32
C GLN B 125 31.87 27.15 -5.97
N LEU B 126 32.28 27.10 -4.70
CA LEU B 126 33.22 26.07 -4.25
C LEU B 126 32.63 24.67 -4.40
N ILE B 127 31.34 24.51 -4.08
CA ILE B 127 30.70 23.21 -4.20
C ILE B 127 30.43 22.88 -5.66
N ALA B 128 29.89 23.84 -6.41
CA ALA B 128 29.66 23.60 -7.84
C ALA B 128 30.94 23.29 -8.59
N ALA B 129 32.09 23.80 -8.09
CA ALA B 129 33.36 23.52 -8.75
C ALA B 129 33.75 22.05 -8.68
N THR B 130 33.10 21.27 -7.82
CA THR B 130 33.34 19.83 -7.74
C THR B 130 32.54 19.04 -8.77
N GLY B 131 31.58 19.67 -9.43
CA GLY B 131 30.71 18.98 -10.36
C GLY B 131 29.35 18.62 -9.81
N LEU B 132 29.08 18.87 -8.53
CA LEU B 132 27.79 18.55 -7.95
C LEU B 132 26.69 19.43 -8.54
N LYS B 133 25.50 18.85 -8.65
CA LYS B 133 24.32 19.56 -9.11
C LYS B 133 23.15 19.46 -8.14
N HIS B 134 23.21 18.57 -7.15
CA HIS B 134 22.24 18.51 -6.06
C HIS B 134 22.86 19.09 -4.80
N ILE B 135 22.18 20.07 -4.22
CA ILE B 135 22.65 20.71 -3.00
C ILE B 135 21.54 20.61 -1.96
N LEU B 136 21.94 20.50 -0.70
CA LEU B 136 21.03 20.39 0.44
C LEU B 136 21.38 21.47 1.44
N ILE B 137 20.43 22.35 1.74
CA ILE B 137 20.68 23.48 2.64
C ILE B 137 19.95 23.27 3.96
N LEU B 138 20.64 23.56 5.06
CA LEU B 138 20.15 23.30 6.41
C LEU B 138 20.32 24.54 7.28
N THR B 139 19.39 24.71 8.22
CA THR B 139 19.47 25.76 9.23
C THR B 139 18.99 25.20 10.57
N GLY B 140 19.38 25.88 11.64
CA GLY B 140 18.71 25.68 12.90
C GLY B 140 17.31 26.26 12.87
N GLU B 141 16.50 25.88 13.86
CA GLU B 141 15.16 26.44 13.97
C GLU B 141 15.27 27.80 14.63
N SER B 142 15.36 28.85 13.80
CA SER B 142 15.41 30.22 14.28
C SER B 142 14.66 31.07 13.26
N ARG B 143 13.39 31.34 13.54
CA ARG B 143 12.60 32.21 12.68
C ARG B 143 12.99 33.67 12.83
N GLN B 144 13.78 34.01 13.86
CA GLN B 144 14.25 35.38 14.04
C GLN B 144 15.51 35.67 13.25
N HIS B 145 16.45 34.73 13.23
CA HIS B 145 17.73 34.94 12.55
C HIS B 145 17.81 34.30 11.17
N SER B 146 17.17 33.13 10.97
CA SER B 146 17.13 32.49 9.67
C SER B 146 15.68 32.23 9.28
N PRO B 147 14.90 33.29 9.04
CA PRO B 147 13.50 33.11 8.65
C PRO B 147 13.36 32.55 7.25
N VAL B 148 12.11 32.35 6.82
CA VAL B 148 11.85 31.81 5.48
C VAL B 148 12.35 32.78 4.42
N SER B 149 12.21 34.09 4.66
CA SER B 149 12.67 35.07 3.68
C SER B 149 14.18 35.02 3.48
N TYR B 150 14.94 34.66 4.52
CA TYR B 150 16.38 34.46 4.34
C TYR B 150 16.66 33.21 3.53
N ILE B 151 15.97 32.11 3.84
CA ILE B 151 16.17 30.87 3.10
C ILE B 151 15.83 31.06 1.64
N LYS B 152 14.78 31.83 1.34
CA LYS B 152 14.41 32.08 -0.05
C LYS B 152 15.50 32.87 -0.76
N ASP B 153 16.11 33.85 -0.08
CA ASP B 153 17.20 34.60 -0.69
C ASP B 153 18.40 33.71 -0.99
N CYS B 154 18.62 32.68 -0.18
CA CYS B 154 19.69 31.74 -0.44
C CYS B 154 19.33 30.80 -1.60
N VAL B 155 18.05 30.42 -1.70
CA VAL B 155 17.63 29.57 -2.81
C VAL B 155 17.78 30.31 -4.14
N ASN B 156 17.40 31.60 -4.16
CA ASN B 156 17.54 32.37 -5.40
C ASN B 156 18.99 32.44 -5.86
N ILE B 157 19.93 32.42 -4.92
CA ILE B 157 21.34 32.44 -5.26
C ILE B 157 21.82 31.06 -5.71
N LEU B 158 21.35 30.00 -5.04
CA LEU B 158 21.88 28.66 -5.30
C LEU B 158 21.39 28.09 -6.63
N LYS B 159 20.21 28.52 -7.10
CA LYS B 159 19.71 27.95 -8.34
C LYS B 159 20.51 28.38 -9.57
N LYS B 160 21.37 29.39 -9.45
CA LYS B 160 22.29 29.70 -10.54
C LYS B 160 23.41 28.70 -10.66
N TYR B 161 23.58 27.80 -9.68
CA TYR B 161 24.68 26.85 -9.67
C TYR B 161 24.24 25.40 -9.56
N PHE B 162 23.05 25.11 -9.06
CA PHE B 162 22.60 23.75 -8.83
C PHE B 162 21.21 23.57 -9.43
N SER B 163 21.04 22.50 -10.21
CA SER B 163 19.75 22.22 -10.82
C SER B 163 18.73 21.70 -9.81
N SER B 164 19.18 21.19 -8.67
CA SER B 164 18.30 20.59 -7.68
C SER B 164 18.67 21.14 -6.30
N ILE B 165 17.69 21.75 -5.63
CA ILE B 165 17.89 22.33 -4.32
C ILE B 165 16.93 21.67 -3.34
N SER B 166 17.47 21.05 -2.30
CA SER B 166 16.67 20.46 -1.24
C SER B 166 16.90 21.22 0.06
N ILE B 167 15.86 21.29 0.87
CA ILE B 167 15.90 21.96 2.17
C ILE B 167 15.81 20.91 3.25
N GLU B 168 16.58 21.11 4.32
CA GLU B 168 16.41 20.37 5.58
C GLU B 168 16.43 21.43 6.67
N ILE B 169 15.25 21.97 6.96
CA ILE B 169 15.11 23.08 7.89
C ILE B 169 14.03 22.76 8.92
N TYR B 170 13.59 23.77 9.65
CA TYR B 170 12.49 23.58 10.58
C TYR B 170 11.20 23.33 9.80
N PRO B 171 10.26 22.58 10.38
CA PRO B 171 9.02 22.27 9.66
C PRO B 171 8.23 23.52 9.34
N LEU B 172 7.74 23.59 8.11
CA LEU B 172 6.99 24.73 7.60
C LEU B 172 5.51 24.39 7.47
N THR B 173 4.71 25.43 7.35
CA THR B 173 3.31 25.27 6.96
C THR B 173 3.23 25.02 5.46
N GLN B 174 2.05 24.62 4.99
CA GLN B 174 1.91 24.27 3.58
C GLN B 174 2.18 25.46 2.67
N GLU B 175 1.70 26.65 3.05
CA GLU B 175 1.94 27.82 2.22
C GLU B 175 3.41 28.24 2.25
N GLU B 176 4.10 28.00 3.37
CA GLU B 176 5.52 28.33 3.42
C GLU B 176 6.32 27.45 2.47
N TYR B 177 6.02 26.14 2.44
CA TYR B 177 6.65 25.26 1.48
C TYR B 177 6.37 25.71 0.06
N ALA B 178 5.10 26.01 -0.24
CA ALA B 178 4.74 26.48 -1.57
C ALA B 178 5.54 27.72 -1.96
N GLU B 179 5.75 28.62 -1.01
CA GLU B 179 6.59 29.79 -1.28
C GLU B 179 8.03 29.37 -1.61
N LEU B 180 8.57 28.41 -0.85
CA LEU B 180 9.91 27.93 -1.14
C LEU B 180 9.95 27.12 -2.43
N ILE B 181 8.87 26.40 -2.76
CA ILE B 181 8.84 25.64 -4.01
C ILE B 181 8.81 26.60 -5.19
N GLY B 182 8.04 27.68 -5.09
CA GLY B 182 8.02 28.68 -6.15
C GLY B 182 9.35 29.39 -6.36
N ALA B 183 10.21 29.39 -5.34
CA ALA B 183 11.52 30.00 -5.48
C ALA B 183 12.54 29.07 -6.10
N GLY B 184 12.28 27.76 -6.10
CA GLY B 184 13.16 26.84 -6.79
C GLY B 184 13.44 25.55 -6.05
N VAL B 185 12.85 25.40 -4.87
CA VAL B 185 13.06 24.19 -4.06
C VAL B 185 12.26 23.05 -4.66
N ASP B 186 12.91 21.92 -4.89
CA ASP B 186 12.25 20.72 -5.39
C ASP B 186 12.25 19.56 -4.42
N GLY B 187 13.08 19.60 -3.37
CA GLY B 187 13.20 18.47 -2.46
C GLY B 187 13.09 18.92 -1.02
N LEU B 188 12.63 17.99 -0.19
CA LEU B 188 12.52 18.18 1.25
C LEU B 188 13.15 16.98 1.97
N THR B 189 14.03 17.26 2.92
CA THR B 189 14.53 16.24 3.83
C THR B 189 14.09 16.63 5.23
N ILE B 190 13.37 15.74 5.90
CA ILE B 190 12.94 15.98 7.27
C ILE B 190 12.88 14.64 7.98
N TYR B 191 13.56 14.57 9.12
CA TYR B 191 13.66 13.35 9.91
C TYR B 191 12.75 13.50 11.14
N GLN B 192 11.82 12.55 11.32
CA GLN B 192 11.03 12.56 12.55
C GLN B 192 11.88 12.25 13.77
N GLU B 193 13.11 11.75 13.57
CA GLU B 193 14.10 11.46 14.61
C GLU B 193 13.70 10.22 15.41
N VAL B 194 12.50 10.23 15.97
CA VAL B 194 11.98 9.10 16.73
C VAL B 194 10.46 9.12 16.63
N TYR B 195 9.88 7.98 16.22
CA TYR B 195 8.45 7.86 16.09
C TYR B 195 7.74 7.54 17.40
N ASN B 196 8.44 6.98 18.38
CA ASN B 196 7.86 6.76 19.69
C ASN B 196 7.59 8.10 20.36
N GLU B 197 6.32 8.35 20.74
CA GLU B 197 5.94 9.67 21.22
C GLU B 197 6.46 9.94 22.63
N GLU B 198 6.53 8.91 23.47
CA GLU B 198 7.11 9.11 24.80
C GLU B 198 8.60 9.47 24.70
N VAL B 199 9.34 8.71 23.90
CA VAL B 199 10.77 8.99 23.74
C VAL B 199 10.97 10.33 23.03
N TYR B 200 10.12 10.63 22.05
CA TYR B 200 10.20 11.92 21.36
C TYR B 200 10.13 13.09 22.35
N ALA B 201 9.30 12.96 23.38
CA ALA B 201 9.07 14.06 24.32
C ALA B 201 10.27 14.33 25.20
N GLU B 202 11.13 13.35 25.43
CA GLU B 202 12.32 13.56 26.23
C GLU B 202 13.56 13.88 25.39
N MET B 203 13.56 13.48 24.12
CA MET B 203 14.61 13.92 23.21
C MET B 203 14.46 15.38 22.80
N HIS B 204 13.28 15.96 23.03
CA HIS B 204 13.00 17.34 22.66
C HIS B 204 12.27 18.00 23.81
N PRO B 205 12.99 18.36 24.87
CA PRO B 205 12.32 18.81 26.10
C PRO B 205 11.73 20.20 26.01
N ALA B 206 12.22 21.03 25.08
CA ALA B 206 11.74 22.40 24.99
C ALA B 206 11.99 22.92 23.58
N GLY B 207 11.15 23.85 23.16
CA GLY B 207 11.25 24.42 21.84
C GLY B 207 10.12 23.96 20.95
N PRO B 208 9.96 24.60 19.79
CA PRO B 208 8.89 24.21 18.87
C PRO B 208 8.99 22.78 18.35
N LYS B 209 10.20 22.20 18.32
CA LYS B 209 10.34 20.81 17.91
C LYS B 209 9.66 19.84 18.87
N ARG B 210 9.27 20.30 20.07
CA ARG B 210 8.53 19.45 20.99
C ARG B 210 7.17 19.03 20.43
N ASN B 211 6.65 19.77 19.46
CA ASN B 211 5.36 19.47 18.83
C ASN B 211 5.55 18.27 17.91
N TYR B 212 5.17 17.08 18.40
CA TYR B 212 5.43 15.85 17.65
C TYR B 212 4.62 15.80 16.36
N ARG B 213 3.31 16.09 16.45
CA ARG B 213 2.44 15.90 15.30
C ARG B 213 2.75 16.89 14.19
N PHE B 214 3.09 18.13 14.55
CA PHE B 214 3.39 19.13 13.53
C PHE B 214 4.60 18.72 12.69
N ARG B 215 5.59 18.08 13.32
CA ARG B 215 6.72 17.58 12.56
C ARG B 215 6.35 16.33 11.77
N LEU B 216 5.57 15.43 12.38
CA LEU B 216 5.19 14.21 11.70
C LEU B 216 4.46 14.50 10.39
N GLU B 217 3.67 15.56 10.37
CA GLU B 217 2.82 15.89 9.21
C GLU B 217 3.50 16.83 8.24
N ALA B 218 4.70 17.28 8.53
CA ALA B 218 5.46 18.15 7.62
C ALA B 218 5.63 17.54 6.22
N PRO B 219 6.02 16.28 6.06
CA PRO B 219 6.15 15.74 4.69
C PRO B 219 4.86 15.79 3.89
N GLU B 220 3.71 15.66 4.54
CA GLU B 220 2.45 15.73 3.81
C GLU B 220 2.14 17.15 3.36
N ARG B 221 2.31 18.13 4.25
CA ARG B 221 2.11 19.51 3.86
C ARG B 221 3.05 19.91 2.73
N ALA B 222 4.28 19.39 2.72
CA ALA B 222 5.20 19.70 1.64
C ALA B 222 4.74 19.08 0.33
N CYS B 223 4.29 17.82 0.38
CA CYS B 223 3.79 17.18 -0.84
C CYS B 223 2.50 17.81 -1.32
N GLN B 224 1.64 18.25 -0.40
CA GLN B 224 0.45 18.97 -0.82
C GLN B 224 0.81 20.30 -1.48
N ALA B 225 1.93 20.89 -1.08
CA ALA B 225 2.37 22.16 -1.66
C ALA B 225 3.02 21.97 -3.04
N GLY B 226 3.37 20.76 -3.42
CA GLY B 226 3.94 20.49 -4.72
C GLY B 226 5.37 20.00 -4.74
N MET B 227 5.91 19.56 -3.61
CA MET B 227 7.29 19.10 -3.56
C MET B 227 7.47 17.86 -4.44
N ARG B 228 8.58 17.81 -5.16
CA ARG B 228 8.83 16.71 -6.09
C ARG B 228 9.45 15.50 -5.40
N THR B 229 10.28 15.70 -4.38
CA THR B 229 10.93 14.61 -3.67
C THR B 229 10.91 14.87 -2.18
N VAL B 230 10.79 13.80 -1.40
CA VAL B 230 10.81 13.88 0.06
CA VAL B 230 10.82 13.88 0.06
C VAL B 230 11.69 12.77 0.59
N ASN B 231 12.57 13.10 1.54
CA ASN B 231 13.48 12.17 2.19
C ASN B 231 13.18 12.17 3.68
N ILE B 232 12.87 11.00 4.24
CA ILE B 232 12.55 10.90 5.67
C ILE B 232 13.50 9.93 6.35
N GLY B 233 13.24 9.62 7.60
CA GLY B 233 14.01 8.65 8.34
C GLY B 233 14.07 8.97 9.83
N ALA B 234 14.26 7.92 10.63
CA ALA B 234 14.49 8.07 12.06
C ALA B 234 15.99 8.18 12.34
N LEU B 235 16.32 8.89 13.40
CA LEU B 235 17.71 9.02 13.86
C LEU B 235 18.05 7.77 14.67
N LEU B 236 18.76 6.84 14.04
CA LEU B 236 19.10 5.57 14.68
C LEU B 236 20.00 5.80 15.89
N GLY B 237 19.61 5.21 17.01
CA GLY B 237 20.29 5.46 18.28
C GLY B 237 19.42 6.15 19.30
N LEU B 238 18.28 6.70 18.92
CA LEU B 238 17.38 7.29 19.89
C LEU B 238 16.40 6.30 20.50
N ASN B 239 16.14 5.18 19.81
CA ASN B 239 15.11 4.25 20.24
C ASN B 239 15.35 2.91 19.55
N ASP B 240 14.68 1.87 20.07
CA ASP B 240 14.84 0.51 19.57
C ASP B 240 14.75 0.47 18.05
N TRP B 241 15.85 0.06 17.41
CA TRP B 241 16.02 0.32 15.99
C TRP B 241 15.04 -0.48 15.13
N ARG B 242 14.66 -1.68 15.58
CA ARG B 242 13.73 -2.47 14.76
C ARG B 242 12.38 -1.79 14.66
N GLN B 243 11.92 -1.16 15.75
CA GLN B 243 10.65 -0.44 15.72
C GLN B 243 10.76 0.86 14.93
N GLU B 244 11.86 1.60 15.11
CA GLU B 244 12.02 2.86 14.41
C GLU B 244 12.21 2.63 12.91
N ALA B 245 12.93 1.57 12.54
CA ALA B 245 13.03 1.21 11.13
C ALA B 245 11.66 0.86 10.56
N PHE B 246 10.86 0.11 11.30
CA PHE B 246 9.53 -0.25 10.82
C PHE B 246 8.69 0.98 10.58
N PHE B 247 8.64 1.89 11.55
CA PHE B 247 7.78 3.06 11.44
C PHE B 247 8.25 4.00 10.34
N THR B 248 9.57 4.07 10.09
CA THR B 248 10.07 4.87 8.98
C THR B 248 9.57 4.30 7.65
N GLY B 249 9.68 2.98 7.48
CA GLY B 249 9.20 2.36 6.26
C GLY B 249 7.70 2.44 6.10
N LEU B 250 6.97 2.33 7.22
CA LEU B 250 5.53 2.58 7.18
C LEU B 250 5.25 3.99 6.71
N HIS B 251 6.05 4.95 7.16
CA HIS B 251 5.84 6.34 6.80
C HIS B 251 6.15 6.59 5.33
N ALA B 252 7.26 6.04 4.84
CA ALA B 252 7.60 6.18 3.42
C ALA B 252 6.51 5.58 2.54
N ASP B 253 6.00 4.40 2.91
CA ASP B 253 4.95 3.76 2.14
C ASP B 253 3.66 4.58 2.19
N TYR B 254 3.33 5.14 3.35
CA TYR B 254 2.15 5.98 3.46
C TYR B 254 2.25 7.19 2.54
N LEU B 255 3.42 7.85 2.50
CA LEU B 255 3.59 9.01 1.65
C LEU B 255 3.54 8.63 0.18
N GLN B 256 4.20 7.53 -0.20
CA GLN B 256 4.20 7.10 -1.59
C GLN B 256 2.79 6.78 -2.08
N ARG B 257 1.97 6.17 -1.21
CA ARG B 257 0.60 5.85 -1.59
C ARG B 257 -0.26 7.11 -1.67
N ARG B 258 -0.02 8.07 -0.79
CA ARG B 258 -0.84 9.28 -0.78
C ARG B 258 -0.47 10.22 -1.92
N PHE B 259 0.80 10.29 -2.29
CA PHE B 259 1.29 11.18 -3.35
C PHE B 259 2.07 10.35 -4.35
N PRO B 260 1.39 9.66 -5.27
CA PRO B 260 2.10 8.75 -6.19
C PRO B 260 3.02 9.45 -7.18
N ASP B 261 2.96 10.77 -7.31
CA ASP B 261 3.84 11.48 -8.23
C ASP B 261 5.09 12.04 -7.57
N VAL B 262 5.27 11.81 -6.27
CA VAL B 262 6.45 12.28 -5.56
C VAL B 262 7.42 11.11 -5.37
N GLU B 263 8.70 11.38 -5.57
CA GLU B 263 9.74 10.40 -5.31
C GLU B 263 10.06 10.40 -3.81
N VAL B 264 9.71 9.31 -3.14
CA VAL B 264 9.92 9.17 -1.69
C VAL B 264 11.20 8.38 -1.47
N SER B 265 11.96 8.77 -0.45
CA SER B 265 13.19 8.08 -0.10
C SER B 265 13.37 8.15 1.41
N ILE B 266 14.22 7.27 1.94
CA ILE B 266 14.56 7.29 3.34
C ILE B 266 16.06 7.31 3.50
N SER B 267 16.49 7.76 4.67
CA SER B 267 17.87 7.67 5.12
C SER B 267 17.91 6.86 6.41
N PRO B 268 19.00 6.15 6.66
CA PRO B 268 19.17 5.54 7.96
C PRO B 268 20.33 6.16 8.72
N PRO B 269 20.20 7.41 9.17
CA PRO B 269 21.32 8.06 9.87
C PRO B 269 21.53 7.47 11.25
N ARG B 270 22.77 7.15 11.57
CA ARG B 270 23.16 6.78 12.92
C ARG B 270 23.74 7.99 13.62
N MET B 271 23.64 7.99 14.95
CA MET B 271 24.13 9.12 15.74
CA MET B 271 24.14 9.11 15.75
C MET B 271 25.66 9.15 15.73
N ARG B 272 26.19 10.36 15.76
CA ARG B 272 27.61 10.63 15.77
C ARG B 272 27.96 11.47 17.00
N PRO B 273 29.23 11.46 17.43
CA PRO B 273 29.65 12.39 18.48
C PRO B 273 29.28 13.84 18.14
N HIS B 274 29.14 14.67 19.16
CA HIS B 274 28.63 16.03 18.96
C HIS B 274 28.88 16.83 20.22
N LEU B 275 28.91 18.15 20.06
CA LEU B 275 28.99 19.03 21.22
C LEU B 275 27.78 18.81 22.12
N GLY B 276 28.03 18.60 23.41
CA GLY B 276 27.01 18.24 24.37
C GLY B 276 27.13 16.82 24.86
N GLY B 277 27.64 15.93 24.03
CA GLY B 277 27.99 14.59 24.44
C GLY B 277 26.86 13.65 24.83
N PHE B 278 25.63 13.91 24.40
CA PHE B 278 24.52 13.02 24.76
C PHE B 278 24.77 11.61 24.23
N PRO B 279 24.76 10.59 25.09
CA PRO B 279 25.03 9.23 24.61
C PRO B 279 23.80 8.65 23.92
N PRO B 280 24.00 7.82 22.90
CA PRO B 280 22.85 7.18 22.25
C PRO B 280 22.14 6.22 23.19
N ARG B 281 20.83 6.08 23.00
CA ARG B 281 20.00 5.25 23.87
C ARG B 281 20.06 3.77 23.52
N VAL B 282 20.38 3.41 22.27
CA VAL B 282 20.42 2.03 21.84
C VAL B 282 21.66 1.80 20.97
N VAL B 283 22.12 0.56 20.95
CA VAL B 283 23.20 0.15 20.07
C VAL B 283 22.62 -0.27 18.73
N VAL B 284 23.09 0.36 17.66
CA VAL B 284 22.75 -0.02 16.30
C VAL B 284 24.05 -0.40 15.61
N SER B 285 24.22 -1.70 15.35
CA SER B 285 25.45 -2.19 14.74
C SER B 285 25.42 -1.99 13.22
N ASP B 286 26.58 -2.20 12.60
CA ASP B 286 26.64 -2.22 11.14
C ASP B 286 25.68 -3.25 10.57
N GLN B 287 25.59 -4.43 11.20
CA GLN B 287 24.68 -5.45 10.70
C GLN B 287 23.23 -5.01 10.84
N ASN B 288 22.90 -4.29 11.92
CA ASN B 288 21.55 -3.77 12.05
C ASN B 288 21.25 -2.77 10.95
N LEU B 289 22.22 -1.88 10.65
CA LEU B 289 22.03 -0.92 9.58
C LEU B 289 21.80 -1.62 8.24
N VAL B 290 22.54 -2.68 7.97
CA VAL B 290 22.42 -3.37 6.69
C VAL B 290 21.06 -4.06 6.58
N GLN B 291 20.69 -4.84 7.60
CA GLN B 291 19.39 -5.51 7.61
C GLN B 291 18.26 -4.52 7.42
N TYR B 292 18.37 -3.36 8.06
CA TYR B 292 17.41 -2.27 7.82
C TYR B 292 17.34 -1.91 6.34
N VAL B 293 18.51 -1.64 5.73
CA VAL B 293 18.54 -1.21 4.34
C VAL B 293 17.96 -2.29 3.43
N LEU B 294 18.36 -3.55 3.65
CA LEU B 294 17.88 -4.63 2.81
C LEU B 294 16.38 -4.84 2.96
N ALA B 295 15.88 -4.81 4.19
CA ALA B 295 14.46 -5.03 4.41
C ALA B 295 13.63 -3.94 3.75
N PHE B 296 14.12 -2.70 3.77
CA PHE B 296 13.37 -1.60 3.17
C PHE B 296 13.39 -1.66 1.65
N ARG B 297 14.52 -2.08 1.07
CA ARG B 297 14.59 -2.24 -0.37
C ARG B 297 13.59 -3.28 -0.86
N LEU B 298 13.46 -4.40 -0.14
CA LEU B 298 12.51 -5.42 -0.57
C LEU B 298 11.07 -4.96 -0.34
N PHE B 299 10.84 -4.11 0.65
CA PHE B 299 9.50 -3.60 0.92
C PHE B 299 9.09 -2.49 -0.04
N MET B 300 10.05 -1.71 -0.55
CA MET B 300 9.77 -0.64 -1.52
C MET B 300 10.83 -0.62 -2.59
N PRO B 301 10.67 -1.44 -3.64
CA PRO B 301 11.77 -1.65 -4.60
C PRO B 301 12.23 -0.40 -5.35
N ARG B 302 11.38 0.62 -5.51
CA ARG B 302 11.79 1.80 -6.28
C ARG B 302 11.86 3.07 -5.43
N SER B 303 12.02 2.93 -4.12
CA SER B 303 12.24 4.08 -3.24
C SER B 303 13.73 4.26 -3.01
N GLY B 304 14.17 5.51 -3.05
CA GLY B 304 15.57 5.80 -2.85
C GLY B 304 16.02 5.52 -1.43
N ILE B 305 17.31 5.24 -1.28
CA ILE B 305 17.95 5.04 0.01
C ILE B 305 19.23 5.89 0.04
N THR B 306 19.29 6.83 0.98
CA THR B 306 20.36 7.81 1.04
C THR B 306 21.30 7.48 2.19
N LEU B 307 22.60 7.42 1.90
CA LEU B 307 23.62 7.14 2.89
C LEU B 307 24.54 8.35 3.00
N SER B 308 24.68 8.88 4.22
CA SER B 308 25.41 10.12 4.45
C SER B 308 26.83 9.82 4.93
N THR B 309 27.56 10.88 5.27
CA THR B 309 28.91 10.74 5.81
C THR B 309 28.92 10.43 7.31
N ARG B 310 27.76 10.14 7.90
CA ARG B 310 27.74 9.63 9.26
C ARG B 310 28.40 8.26 9.35
N GLU B 311 28.47 7.52 8.25
CA GLU B 311 29.12 6.23 8.17
C GLU B 311 30.56 6.37 7.70
N ASN B 312 31.39 5.41 8.09
CA ASN B 312 32.78 5.41 7.65
C ASN B 312 32.88 4.96 6.19
N GLY B 313 34.01 5.31 5.57
CA GLY B 313 34.19 5.00 4.16
C GLY B 313 34.20 3.52 3.86
N ARG B 314 34.70 2.71 4.78
CA ARG B 314 34.75 1.26 4.55
C ARG B 314 33.33 0.67 4.52
N LEU B 315 32.46 1.09 5.42
CA LEU B 315 31.09 0.58 5.43
C LEU B 315 30.31 1.07 4.21
N ARG B 316 30.52 2.32 3.80
CA ARG B 316 29.81 2.83 2.64
C ARG B 316 30.26 2.14 1.36
N ASP B 317 31.54 1.80 1.28
CA ASP B 317 32.05 1.07 0.11
C ASP B 317 31.36 -0.28 -0.04
N ALA B 318 31.14 -0.97 1.07
CA ALA B 318 30.50 -2.29 1.03
C ALA B 318 28.99 -2.20 0.82
N MET B 319 28.38 -1.05 1.07
CA MET B 319 26.95 -0.88 0.91
C MET B 319 26.56 -0.27 -0.43
N VAL B 320 27.54 0.02 -1.29
CA VAL B 320 27.26 0.55 -2.63
C VAL B 320 26.35 -0.40 -3.40
N ARG B 321 26.50 -1.71 -3.19
CA ARG B 321 25.76 -2.71 -3.94
C ARG B 321 24.61 -3.31 -3.13
N LEU B 322 24.26 -2.70 -2.00
CA LEU B 322 23.27 -3.29 -1.09
C LEU B 322 21.96 -2.50 -1.06
N GLY B 323 21.71 -1.63 -2.03
CA GLY B 323 20.46 -0.90 -2.10
C GLY B 323 20.59 0.60 -1.98
N VAL B 324 21.76 1.12 -1.60
CA VAL B 324 21.97 2.56 -1.57
C VAL B 324 21.90 3.10 -2.99
N THR B 325 21.27 4.26 -3.14
CA THR B 325 21.16 4.91 -4.44
C THR B 325 21.61 6.36 -4.41
N LYS B 326 21.91 6.92 -3.24
CA LYS B 326 22.24 8.33 -3.09
C LYS B 326 23.27 8.44 -1.97
N MET B 327 24.36 9.15 -2.22
CA MET B 327 25.44 9.29 -1.25
C MET B 327 25.90 10.73 -1.17
N SER B 328 26.20 11.18 0.04
CA SER B 328 26.83 12.48 0.22
C SER B 328 28.34 12.36 0.17
N ALA B 329 29.00 13.48 -0.10
CA ALA B 329 30.46 13.51 -0.26
C ALA B 329 30.93 14.93 -0.07
N GLY B 330 32.18 15.07 0.38
CA GLY B 330 32.73 16.39 0.69
C GLY B 330 31.89 17.17 1.67
N SER B 331 31.30 16.49 2.65
CA SER B 331 30.34 17.14 3.52
C SER B 331 31.03 17.96 4.61
N CYS B 332 30.28 18.91 5.15
CA CYS B 332 30.73 19.72 6.27
C CYS B 332 29.52 20.06 7.11
N THR B 333 29.61 19.81 8.42
CA THR B 333 28.47 20.02 9.30
C THR B 333 28.56 21.33 10.07
N ALA B 334 29.50 22.21 9.72
CA ALA B 334 29.65 23.49 10.39
C ALA B 334 29.29 24.63 9.44
N VAL B 335 28.76 25.72 10.02
CA VAL B 335 28.46 26.92 9.27
C VAL B 335 29.78 27.55 8.83
N GLY B 336 30.04 27.57 7.52
CA GLY B 336 31.29 28.10 7.02
C GLY B 336 32.51 27.25 7.33
N GLY B 337 32.30 25.95 7.60
CA GLY B 337 33.41 25.07 7.92
C GLY B 337 34.30 24.73 6.75
N ARG B 338 33.80 24.89 5.52
CA ARG B 338 34.62 24.73 4.33
C ARG B 338 35.67 25.83 4.18
N SER B 339 35.73 26.78 5.12
CA SER B 339 36.77 27.80 5.13
C SER B 339 37.29 28.06 6.53
N ASP B 340 36.98 27.20 7.50
CA ASP B 340 37.38 27.42 8.89
C ASP B 340 37.34 26.06 9.59
N GLN B 341 38.51 25.43 9.74
CA GLN B 341 38.59 24.10 10.33
C GLN B 341 38.23 24.08 11.82
N GLU B 342 38.20 25.24 12.47
CA GLU B 342 37.84 25.32 13.88
C GLU B 342 36.35 25.55 14.10
N ALA B 343 35.56 25.62 13.03
CA ALA B 343 34.13 25.82 13.19
C ALA B 343 33.49 24.56 13.77
N VAL B 344 32.59 24.75 14.74
CA VAL B 344 31.94 23.62 15.40
C VAL B 344 30.77 23.13 14.55
N GLY B 345 30.75 21.84 14.25
CA GLY B 345 29.69 21.25 13.46
C GLY B 345 28.54 20.72 14.32
N GLN B 346 27.41 20.46 13.64
CA GLN B 346 26.26 19.87 14.32
C GLN B 346 26.59 18.51 14.90
N PHE B 347 27.39 17.73 14.18
CA PHE B 347 27.91 16.45 14.66
C PHE B 347 29.18 16.14 13.87
N GLN B 348 29.95 15.18 14.37
CA GLN B 348 31.20 14.83 13.73
C GLN B 348 30.94 13.83 12.60
N ILE B 349 31.42 14.16 11.41
CA ILE B 349 31.26 13.26 10.27
C ILE B 349 32.25 12.12 10.40
N SER B 350 32.07 11.09 9.58
CA SER B 350 32.95 9.93 9.58
C SER B 350 33.68 9.78 8.25
N ASP B 351 32.94 9.69 7.13
CA ASP B 351 33.55 9.57 5.81
C ASP B 351 33.95 10.97 5.34
N GLU B 352 35.25 11.26 5.35
CA GLU B 352 35.76 12.56 4.98
C GLU B 352 36.16 12.66 3.51
N ARG B 353 35.89 11.62 2.71
CA ARG B 353 36.34 11.62 1.33
C ARG B 353 35.63 12.70 0.52
N THR B 354 36.37 13.32 -0.39
CA THR B 354 35.80 14.37 -1.22
C THR B 354 34.85 13.78 -2.26
N VAL B 355 34.29 14.66 -3.09
CA VAL B 355 33.40 14.21 -4.16
C VAL B 355 34.16 13.35 -5.16
N ALA B 356 35.32 13.84 -5.61
CA ALA B 356 36.13 13.09 -6.57
C ALA B 356 36.57 11.76 -6.01
N GLU B 357 36.87 11.71 -4.71
CA GLU B 357 37.25 10.45 -4.09
C GLU B 357 36.08 9.47 -4.04
N VAL B 358 34.90 9.92 -3.64
CA VAL B 358 33.75 9.02 -3.63
C VAL B 358 33.40 8.58 -5.04
N ALA B 359 33.48 9.50 -6.01
CA ALA B 359 33.21 9.16 -7.40
C ALA B 359 34.25 8.20 -7.95
N ALA B 360 35.53 8.39 -7.59
CA ALA B 360 36.55 7.45 -8.05
C ALA B 360 36.32 6.08 -7.47
N MET B 361 35.94 6.00 -6.20
CA MET B 361 35.58 4.72 -5.60
C MET B 361 34.41 4.08 -6.36
N LEU B 362 33.41 4.89 -6.74
CA LEU B 362 32.23 4.34 -7.40
C LEU B 362 32.59 3.73 -8.76
N TYR B 363 33.40 4.43 -9.54
CA TYR B 363 33.84 3.90 -10.83
C TYR B 363 34.54 2.56 -10.66
N ALA B 364 35.43 2.45 -9.67
CA ALA B 364 36.20 1.22 -9.49
C ALA B 364 35.31 0.03 -9.18
N GLN B 365 34.15 0.26 -8.57
CA GLN B 365 33.19 -0.80 -8.30
C GLN B 365 32.24 -1.04 -9.46
N GLY B 366 32.52 -0.46 -10.63
CA GLY B 366 31.65 -0.61 -11.78
C GLY B 366 30.41 0.24 -11.75
N TYR B 367 30.32 1.17 -10.81
CA TYR B 367 29.15 2.02 -10.67
C TYR B 367 29.38 3.36 -11.34
N GLN B 368 28.30 3.95 -11.81
CA GLN B 368 28.33 5.25 -12.44
C GLN B 368 27.89 6.30 -11.44
N PRO B 369 28.79 7.15 -10.93
CA PRO B 369 28.32 8.32 -10.17
C PRO B 369 27.58 9.27 -11.09
N VAL B 370 26.44 9.77 -10.61
CA VAL B 370 25.60 10.67 -11.38
C VAL B 370 25.32 11.92 -10.55
N TYR B 371 24.95 12.99 -11.23
CA TYR B 371 24.80 14.29 -10.61
C TYR B 371 23.42 14.90 -10.82
N LYS B 372 22.58 14.28 -11.64
CA LYS B 372 21.19 14.66 -11.80
C LYS B 372 20.33 13.43 -11.55
N ASP B 373 19.08 13.67 -11.15
CA ASP B 373 18.15 12.60 -10.81
C ASP B 373 17.05 12.53 -11.86
N TRP B 374 16.73 11.31 -12.28
CA TRP B 374 15.57 11.08 -13.14
C TRP B 374 14.32 11.07 -12.25
N GLN B 375 13.39 11.98 -12.53
CA GLN B 375 12.15 12.09 -11.77
C GLN B 375 10.98 12.20 -12.75
N ALA B 376 9.99 11.32 -12.59
CA ALA B 376 8.80 11.33 -13.44
C ALA B 376 7.53 11.21 -12.61
#